data_3NO0
#
_entry.id   3NO0
#
_cell.length_a   43.513
_cell.length_b   49.624
_cell.length_c   120.350
_cell.angle_alpha   91.57
_cell.angle_beta   99.75
_cell.angle_gamma   113.48
#
_symmetry.space_group_name_H-M   'P 1'
#
loop_
_entity.id
_entity.type
_entity.pdbx_description
1 polymer 'DNA gyrase subunit A'
2 non-polymer 'NITRATE ION'
3 non-polymer GLYCEROL
4 water water
#
_entity_poly.entity_id   1
_entity_poly.type   'polypeptide(L)'
_entity_poly.pdbx_seq_one_letter_code
;GSITVAVLQDGSIIPVEELPLEKAPVVNILRVPFTEGLFLVSNRGRVYWIAGSQALQGSKVSLKSREEKIVGAFIREKFG
NRLLLATKKGYVKKIPLAEFEYKAQGMPIIKLTEGDEVVSIASSVDETHILLFTKKGRVARFSVREVPPSTPGARGVQGI
KLEKNDETSGLRIWNGEPYLLVITAKGRVKKISHEEIPKTNRGVKGTEVSGTKDTLVDLIPIKEEVELLITTKNGKAFYD
KINQKDIPLSTKKSIPRTRWKLEDDEIIKVVIKKSE
;
_entity_poly.pdbx_strand_id   A,B,C
#
loop_
_chem_comp.id
_chem_comp.type
_chem_comp.name
_chem_comp.formula
GOL non-polymer GLYCEROL 'C3 H8 O3'
NO3 non-polymer 'NITRATE ION' 'N O3 -1'
#
# COMPACT_ATOMS: atom_id res chain seq x y z
N GLY A 1 -11.44 38.56 45.38
CA GLY A 1 -10.60 37.70 46.19
C GLY A 1 -10.70 36.23 45.79
N SER A 2 -10.52 35.35 46.77
CA SER A 2 -10.60 33.91 46.52
C SER A 2 -10.91 33.21 47.83
N ILE A 3 -11.49 32.01 47.73
CA ILE A 3 -11.72 31.18 48.90
C ILE A 3 -11.25 29.75 48.57
N THR A 4 -10.55 29.14 49.52
CA THR A 4 -10.09 27.75 49.39
C THR A 4 -11.14 26.78 49.94
N VAL A 5 -11.70 25.96 49.04
CA VAL A 5 -12.78 25.07 49.41
C VAL A 5 -12.43 23.60 49.18
N ALA A 6 -12.96 22.75 50.03
CA ALA A 6 -13.01 21.33 49.80
C ALA A 6 -14.30 21.01 49.04
N VAL A 7 -14.19 20.17 48.04
CA VAL A 7 -15.31 19.61 47.32
C VAL A 7 -15.44 18.16 47.76
N LEU A 8 -16.62 17.79 48.25
CA LEU A 8 -16.82 16.46 48.76
C LEU A 8 -17.61 15.58 47.80
N GLN A 9 -17.61 14.29 48.02
CA GLN A 9 -18.21 13.34 47.11
C GLN A 9 -19.71 13.52 47.01
N ASP A 10 -20.34 14.09 48.02
CA ASP A 10 -21.80 14.30 47.99
C ASP A 10 -22.20 15.62 47.36
N GLY A 11 -21.27 16.34 46.78
CA GLY A 11 -21.58 17.64 46.19
C GLY A 11 -21.47 18.83 47.10
N SER A 12 -21.06 18.62 48.35
CA SER A 12 -20.77 19.75 49.23
C SER A 12 -19.53 20.51 48.80
N ILE A 13 -19.56 21.83 48.98
CA ILE A 13 -18.45 22.72 48.72
C ILE A 13 -18.34 23.57 49.98
N ILE A 14 -17.26 23.42 50.72
CA ILE A 14 -17.12 23.97 52.07
C ILE A 14 -15.72 24.54 52.23
N PRO A 15 -15.57 25.80 52.74
CA PRO A 15 -14.23 26.29 53.06
C PRO A 15 -13.45 25.23 53.85
N VAL A 16 -12.19 25.01 53.50
CA VAL A 16 -11.49 23.88 54.04
CA VAL A 16 -11.45 23.87 54.05
C VAL A 16 -11.37 23.89 55.57
N GLU A 17 -11.22 25.07 56.16
CA GLU A 17 -11.12 25.19 57.60
C GLU A 17 -12.44 25.07 58.34
N GLU A 18 -13.53 24.90 57.59
CA GLU A 18 -14.87 24.70 58.14
C GLU A 18 -15.42 23.31 57.93
N LEU A 19 -14.58 22.36 57.57
CA LEU A 19 -15.06 20.99 57.35
C LEU A 19 -15.49 20.37 58.65
N PRO A 20 -16.69 19.79 58.70
CA PRO A 20 -17.19 19.17 59.93
C PRO A 20 -16.60 17.80 60.17
N LEU A 21 -16.82 17.26 61.35
CA LEU A 21 -16.31 15.92 61.66
C LEU A 21 -17.00 14.85 60.81
N GLU A 22 -18.32 14.93 60.69
CA GLU A 22 -19.07 13.96 59.92
C GLU A 22 -19.27 14.56 58.53
N LYS A 23 -18.73 13.90 57.53
CA LYS A 23 -18.79 14.42 56.17
C LYS A 23 -18.52 13.32 55.16
N ALA A 24 -18.92 13.57 53.92
CA ALA A 24 -18.50 12.73 52.81
C ALA A 24 -17.01 12.92 52.50
N PRO A 25 -16.38 11.93 51.83
CA PRO A 25 -14.93 12.07 51.55
C PRO A 25 -14.62 13.23 50.63
N VAL A 26 -13.40 13.74 50.73
CA VAL A 26 -12.93 14.84 49.92
C VAL A 26 -12.53 14.35 48.53
N VAL A 27 -12.91 15.12 47.52
CA VAL A 27 -12.53 14.89 46.14
C VAL A 27 -11.36 15.78 45.74
N ASN A 28 -11.38 17.04 46.11
CA ASN A 28 -10.30 17.96 45.81
C ASN A 28 -10.44 19.13 46.75
N ILE A 29 -9.37 19.91 46.85
CA ILE A 29 -9.35 21.18 47.58
C ILE A 29 -8.78 22.20 46.62
N LEU A 30 -9.51 23.29 46.38
CA LEU A 30 -9.17 24.24 45.34
C LEU A 30 -9.30 25.67 45.85
N ARG A 31 -8.34 26.49 45.50
CA ARG A 31 -8.40 27.91 45.83
C ARG A 31 -9.07 28.62 44.67
N VAL A 32 -10.32 29.04 44.87
CA VAL A 32 -11.15 29.48 43.77
C VAL A 32 -11.29 31.01 43.78
N PRO A 33 -10.76 31.69 42.75
CA PRO A 33 -11.03 33.14 42.68
C PRO A 33 -12.52 33.44 42.48
N PHE A 34 -13.02 34.55 42.99
CA PHE A 34 -14.45 34.84 42.94
C PHE A 34 -14.95 35.03 41.52
N THR A 35 -14.02 35.33 40.61
CA THR A 35 -14.36 35.56 39.21
C THR A 35 -14.36 34.29 38.36
N GLU A 36 -14.01 33.15 38.96
CA GLU A 36 -13.86 31.92 38.18
C GLU A 36 -14.90 30.85 38.50
N GLY A 37 -15.01 29.87 37.61
CA GLY A 37 -16.00 28.82 37.75
C GLY A 37 -15.43 27.57 38.34
N LEU A 38 -16.09 27.07 39.38
CA LEU A 38 -15.76 25.77 39.94
C LEU A 38 -16.70 24.70 39.39
N PHE A 39 -16.13 23.69 38.73
CA PHE A 39 -16.87 22.65 38.04
C PHE A 39 -16.69 21.33 38.76
N LEU A 40 -17.79 20.60 38.90
CA LEU A 40 -17.85 19.27 39.49
C LEU A 40 -18.37 18.30 38.44
N VAL A 41 -17.77 17.12 38.32
CA VAL A 41 -18.25 16.09 37.41
C VAL A 41 -18.57 14.86 38.23
N SER A 42 -19.73 14.27 37.96
CA SER A 42 -20.17 13.14 38.74
C SER A 42 -19.96 11.81 38.04
N ASN A 43 -20.18 10.74 38.79
CA ASN A 43 -20.11 9.40 38.27
C ASN A 43 -21.19 9.11 37.23
N ARG A 44 -22.25 9.92 37.20
CA ARG A 44 -23.29 9.82 36.18
CA ARG A 44 -23.27 9.78 36.16
C ARG A 44 -22.90 10.60 34.93
N GLY A 45 -21.71 11.17 34.90
CA GLY A 45 -21.32 11.98 33.75
C GLY A 45 -22.05 13.32 33.68
N ARG A 46 -22.55 13.80 34.82
CA ARG A 46 -23.23 15.09 34.88
C ARG A 46 -22.30 16.18 35.42
N VAL A 47 -22.51 17.40 34.96
CA VAL A 47 -21.67 18.53 35.32
C VAL A 47 -22.44 19.54 36.11
N TYR A 48 -21.84 20.01 37.20
CA TYR A 48 -22.40 21.04 38.06
C TYR A 48 -21.37 22.16 38.19
N TRP A 49 -21.78 23.39 38.49
CA TRP A 49 -20.81 24.46 38.66
C TRP A 49 -21.37 25.58 39.54
N ILE A 50 -20.46 26.25 40.26
CA ILE A 50 -20.79 27.42 41.06
C ILE A 50 -19.74 28.49 40.83
N ALA A 51 -20.06 29.72 41.22
CA ALA A 51 -19.07 30.78 41.20
C ALA A 51 -19.41 31.83 42.24
N GLY A 52 -18.39 32.52 42.73
CA GLY A 52 -18.59 33.67 43.59
C GLY A 52 -18.46 33.37 45.07
N SER A 53 -18.24 34.42 45.85
CA SER A 53 -17.94 34.27 47.27
C SER A 53 -19.08 33.64 48.06
N GLN A 54 -20.31 34.07 47.81
CA GLN A 54 -21.42 33.56 48.59
C GLN A 54 -21.53 32.05 48.45
N ALA A 55 -21.41 31.58 47.22
CA ALA A 55 -21.50 30.14 46.98
C ALA A 55 -20.30 29.40 47.59
N LEU A 56 -19.12 29.99 47.49
CA LEU A 56 -17.92 29.35 48.00
C LEU A 56 -17.92 29.27 49.54
N GLN A 57 -18.68 30.16 50.20
CA GLN A 57 -18.76 30.13 51.66
C GLN A 57 -19.53 28.91 52.15
N GLY A 58 -20.23 28.24 51.25
CA GLY A 58 -20.90 27.00 51.59
C GLY A 58 -22.06 26.73 50.64
N SER A 59 -22.01 25.57 50.00
CA SER A 59 -23.01 25.16 49.00
C SER A 59 -23.08 23.65 48.99
N LYS A 60 -24.14 23.13 48.40
CA LYS A 60 -24.20 21.72 48.09
C LYS A 60 -25.00 21.61 46.81
N VAL A 61 -24.36 21.11 45.78
CA VAL A 61 -25.03 21.03 44.49
C VAL A 61 -26.15 20.01 44.60
N SER A 62 -27.22 20.23 43.83
CA SER A 62 -28.39 19.35 43.86
C SER A 62 -28.22 18.28 42.77
N LEU A 63 -27.78 17.10 43.20
CA LEU A 63 -27.49 16.02 42.29
C LEU A 63 -28.81 15.54 41.66
N LYS A 64 -28.72 15.02 40.44
CA LYS A 64 -29.91 14.64 39.67
C LYS A 64 -30.31 13.20 39.84
N SER A 65 -29.47 12.37 40.42
CA SER A 65 -29.66 10.93 40.42
CA SER A 65 -29.74 10.95 40.46
C SER A 65 -29.42 10.33 41.80
N ARG A 66 -30.19 9.32 42.15
CA ARG A 66 -29.91 8.54 43.34
C ARG A 66 -28.49 7.93 43.25
N GLU A 67 -27.78 7.93 44.37
CA GLU A 67 -26.43 7.32 44.44
C GLU A 67 -25.32 8.01 43.60
N GLU A 68 -25.64 9.15 43.02
CA GLU A 68 -24.68 9.98 42.30
C GLU A 68 -23.63 10.49 43.27
N LYS A 69 -22.40 10.56 42.82
CA LYS A 69 -21.28 11.10 43.59
C LYS A 69 -20.34 11.86 42.72
N ILE A 70 -19.65 12.83 43.27
CA ILE A 70 -18.68 13.64 42.53
C ILE A 70 -17.38 12.88 42.41
N VAL A 71 -16.81 12.83 41.21
CA VAL A 71 -15.57 12.10 40.97
C VAL A 71 -14.45 13.01 40.51
N GLY A 72 -14.67 14.30 40.30
CA GLY A 72 -13.61 15.24 40.03
C GLY A 72 -14.12 16.64 40.08
N ALA A 73 -13.22 17.59 40.27
CA ALA A 73 -13.57 18.99 40.34
C ALA A 73 -12.42 19.81 39.82
N PHE A 74 -12.70 20.92 39.17
CA PHE A 74 -11.66 21.75 38.60
C PHE A 74 -12.12 23.19 38.49
N ILE A 75 -11.18 24.11 38.42
CA ILE A 75 -11.49 25.52 38.12
C ILE A 75 -11.35 25.69 36.63
N ARG A 76 -12.39 26.19 35.99
CA ARG A 76 -12.42 26.22 34.52
C ARG A 76 -11.21 26.98 33.98
N GLU A 77 -10.97 28.14 34.55
CA GLU A 77 -10.01 29.04 33.98
C GLU A 77 -8.57 28.59 34.31
N LYS A 78 -8.45 27.45 35.00
CA LYS A 78 -7.16 26.81 35.25
C LYS A 78 -7.05 25.44 34.60
N PHE A 79 -7.97 25.14 33.68
CA PHE A 79 -8.08 23.81 33.06
C PHE A 79 -7.85 23.93 31.55
N GLY A 80 -7.60 22.79 30.90
CA GLY A 80 -7.47 22.79 29.46
C GLY A 80 -8.78 23.09 28.71
N ASN A 81 -8.71 23.10 27.39
CA ASN A 81 -9.90 23.31 26.59
C ASN A 81 -10.66 22.03 26.23
N ARG A 82 -10.10 20.89 26.58
CA ARG A 82 -10.77 19.60 26.40
C ARG A 82 -10.70 18.74 27.64
N LEU A 83 -11.82 18.11 27.97
CA LEU A 83 -11.95 17.24 29.11
C LEU A 83 -11.91 15.79 28.69
N LEU A 84 -11.16 14.96 29.39
CA LEU A 84 -11.18 13.52 29.27
C LEU A 84 -11.97 12.91 30.39
N LEU A 85 -12.81 11.94 30.08
CA LEU A 85 -13.52 11.13 31.05
CA LEU A 85 -13.54 11.14 31.04
C LEU A 85 -13.17 9.68 30.86
N ALA A 86 -12.95 8.96 31.96
CA ALA A 86 -12.75 7.52 31.94
C ALA A 86 -13.87 6.87 32.69
N THR A 87 -14.33 5.74 32.16
CA THR A 87 -15.44 5.01 32.79
C THR A 87 -15.01 3.69 33.37
N LYS A 88 -15.79 3.20 34.31
CA LYS A 88 -15.57 1.90 34.95
C LYS A 88 -15.35 0.77 33.95
N LYS A 89 -16.14 0.76 32.89
CA LYS A 89 -16.09 -0.32 31.90
C LYS A 89 -14.99 -0.11 30.89
N GLY A 90 -14.18 0.95 31.05
CA GLY A 90 -13.00 1.09 30.20
C GLY A 90 -13.12 2.01 29.03
N TYR A 91 -14.25 2.74 28.92
N TYR A 91 -14.17 2.82 29.01
CA TYR A 91 -14.44 3.77 27.88
CA TYR A 91 -14.33 3.76 27.93
C TYR A 91 -13.58 4.98 28.24
C TYR A 91 -13.73 5.11 28.27
N VAL A 92 -13.21 5.75 27.24
CA VAL A 92 -12.64 7.08 27.40
C VAL A 92 -13.31 8.02 26.39
N LYS A 93 -13.61 9.22 26.82
CA LYS A 93 -14.26 10.24 25.99
C LYS A 93 -13.49 11.54 26.09
N LYS A 94 -13.41 12.28 25.00
CA LYS A 94 -12.75 13.58 24.97
C LYS A 94 -13.78 14.58 24.50
N ILE A 95 -14.07 15.62 25.28
CA ILE A 95 -15.09 16.58 24.90
C ILE A 95 -14.62 17.99 25.17
N PRO A 96 -14.68 18.88 24.19
CA PRO A 96 -14.30 20.27 24.42
C PRO A 96 -15.17 20.92 25.51
N LEU A 97 -14.54 21.73 26.35
CA LEU A 97 -15.26 22.48 27.32
C LEU A 97 -16.38 23.37 26.73
N ALA A 98 -16.14 23.89 25.56
CA ALA A 98 -17.14 24.73 24.92
C ALA A 98 -18.47 24.02 24.68
N GLU A 99 -18.45 22.69 24.65
CA GLU A 99 -19.67 21.92 24.43
C GLU A 99 -20.59 22.00 25.65
N PHE A 100 -20.00 22.07 26.85
CA PHE A 100 -20.85 22.12 28.05
C PHE A 100 -20.68 23.18 29.12
N GLU A 101 -19.64 24.00 29.06
CA GLU A 101 -19.38 24.92 30.17
C GLU A 101 -20.50 25.94 30.43
N TYR A 102 -20.81 26.10 31.71
CA TYR A 102 -21.72 27.13 32.20
C TYR A 102 -23.15 26.93 31.71
N LYS A 103 -23.52 25.69 31.48
CA LYS A 103 -24.88 25.36 31.08
C LYS A 103 -25.64 24.75 32.26
N ALA A 104 -26.86 24.29 32.02
CA ALA A 104 -27.75 23.91 33.11
C ALA A 104 -27.08 22.98 34.10
N GLN A 105 -27.41 23.16 35.37
CA GLN A 105 -26.86 22.32 36.40
C GLN A 105 -27.27 20.87 36.13
N GLY A 106 -26.33 19.94 36.23
CA GLY A 106 -26.62 18.55 36.04
C GLY A 106 -26.59 18.06 34.60
N MET A 107 -26.13 18.91 33.68
CA MET A 107 -26.10 18.55 32.26
C MET A 107 -25.29 17.27 32.04
N PRO A 108 -25.89 16.27 31.37
CA PRO A 108 -25.10 15.06 30.99
C PRO A 108 -24.12 15.34 29.87
N ILE A 109 -22.92 14.82 29.98
CA ILE A 109 -21.90 15.01 28.96
C ILE A 109 -21.31 13.71 28.42
N ILE A 110 -21.85 12.58 28.80
CA ILE A 110 -21.43 11.30 28.24
C ILE A 110 -22.59 10.33 28.26
N LYS A 111 -22.83 9.65 27.15
CA LYS A 111 -23.76 8.55 27.12
C LYS A 111 -23.11 7.29 27.65
N LEU A 112 -23.63 6.82 28.79
CA LEU A 112 -23.08 5.66 29.47
C LEU A 112 -23.88 4.42 29.19
N THR A 113 -23.19 3.34 28.87
CA THR A 113 -23.79 2.07 28.59
C THR A 113 -24.28 1.49 29.89
N GLU A 114 -25.09 0.45 29.79
CA GLU A 114 -25.67 -0.14 30.98
C GLU A 114 -24.67 -0.60 32.03
N GLY A 115 -24.90 -0.15 33.26
CA GLY A 115 -24.03 -0.46 34.38
C GLY A 115 -22.75 0.36 34.45
N ASP A 116 -22.50 1.26 33.52
CA ASP A 116 -21.24 2.03 33.51
C ASP A 116 -21.39 3.31 34.29
N GLU A 117 -20.25 3.85 34.67
CA GLU A 117 -20.17 5.12 35.41
C GLU A 117 -18.82 5.74 35.18
N VAL A 118 -18.77 7.05 35.27
CA VAL A 118 -17.50 7.76 35.15
C VAL A 118 -16.71 7.54 36.45
N VAL A 119 -15.43 7.20 36.33
CA VAL A 119 -14.56 7.01 37.49
C VAL A 119 -13.57 8.14 37.66
N SER A 120 -13.22 8.86 36.61
CA SER A 120 -12.19 9.90 36.74
C SER A 120 -12.24 10.82 35.56
N ILE A 121 -11.65 12.00 35.72
CA ILE A 121 -11.57 13.00 34.69
C ILE A 121 -10.13 13.51 34.59
N ALA A 122 -9.77 14.18 33.52
CA ALA A 122 -8.46 14.76 33.34
C ALA A 122 -8.53 15.87 32.35
N SER A 123 -7.64 16.84 32.45
CA SER A 123 -7.48 17.85 31.45
C SER A 123 -6.67 17.27 30.30
N SER A 124 -7.21 17.27 29.08
CA SER A 124 -6.49 16.69 27.95
C SER A 124 -5.29 17.55 27.58
N VAL A 125 -4.25 16.94 27.03
CA VAL A 125 -3.10 17.66 26.51
C VAL A 125 -2.77 17.02 25.17
N ASP A 126 -2.61 17.81 24.11
CA ASP A 126 -2.37 17.17 22.81
C ASP A 126 -0.94 16.62 22.77
N GLU A 127 -0.73 15.62 21.92
CA GLU A 127 0.59 15.01 21.71
C GLU A 127 1.15 14.40 22.99
N THR A 128 0.29 13.71 23.72
CA THR A 128 0.70 12.97 24.90
C THR A 128 0.14 11.56 24.83
N HIS A 129 0.45 10.73 25.82
CA HIS A 129 -0.15 9.41 25.94
C HIS A 129 -1.15 9.43 27.06
N ILE A 130 -2.24 8.69 26.89
CA ILE A 130 -3.13 8.32 27.96
C ILE A 130 -2.64 7.02 28.61
N LEU A 131 -2.55 7.02 29.95
CA LEU A 131 -2.40 5.84 30.75
C LEU A 131 -3.75 5.54 31.39
N LEU A 132 -4.39 4.44 31.01
CA LEU A 132 -5.73 4.07 31.47
C LEU A 132 -5.53 2.81 32.28
N PHE A 133 -5.85 2.88 33.57
CA PHE A 133 -5.45 1.78 34.47
C PHE A 133 -6.58 1.25 35.31
N THR A 134 -6.42 0.00 35.74
CA THR A 134 -7.49 -0.75 36.41
C THR A 134 -7.16 -1.01 37.88
N LYS A 135 -8.20 -1.31 38.64
N LYS A 135 -8.18 -1.36 38.65
CA LYS A 135 -8.07 -1.61 40.05
CA LYS A 135 -7.98 -1.73 40.04
C LYS A 135 -7.07 -2.72 40.29
C LYS A 135 -6.97 -2.86 40.19
N LYS A 136 -7.05 -3.73 39.43
N LYS A 136 -7.06 -3.87 39.31
CA LYS A 136 -6.16 -4.87 39.63
CA LYS A 136 -6.15 -4.99 39.46
C LYS A 136 -4.75 -4.64 39.09
C LYS A 136 -4.79 -4.75 38.82
N GLY A 137 -4.54 -3.51 38.44
CA GLY A 137 -3.19 -3.11 38.09
C GLY A 137 -2.79 -3.16 36.64
N ARG A 138 -3.74 -3.34 35.71
CA ARG A 138 -3.42 -3.31 34.29
C ARG A 138 -3.44 -1.89 33.77
N VAL A 139 -2.55 -1.62 32.81
CA VAL A 139 -2.45 -0.26 32.25
C VAL A 139 -2.37 -0.34 30.73
N ALA A 140 -3.32 0.32 30.08
CA ALA A 140 -3.26 0.53 28.63
C ALA A 140 -2.67 1.91 28.36
N ARG A 141 -1.71 1.98 27.44
CA ARG A 141 -1.02 3.23 27.12
C ARG A 141 -1.14 3.50 25.63
N PHE A 142 -1.72 4.63 25.26
CA PHE A 142 -1.94 4.90 23.84
C PHE A 142 -1.98 6.39 23.62
N SER A 143 -1.79 6.81 22.38
CA SER A 143 -1.84 8.22 22.06
C SER A 143 -3.17 8.84 22.40
N VAL A 144 -3.12 10.06 22.90
CA VAL A 144 -4.32 10.84 23.18
C VAL A 144 -5.15 11.10 21.91
N ARG A 145 -4.52 11.04 20.74
CA ARG A 145 -5.23 11.24 19.47
C ARG A 145 -6.15 10.10 19.11
N GLU A 146 -6.04 8.97 19.78
CA GLU A 146 -6.94 7.86 19.53
C GLU A 146 -8.32 8.05 20.14
N VAL A 147 -8.53 9.14 20.87
CA VAL A 147 -9.84 9.44 21.43
C VAL A 147 -10.32 10.71 20.73
N PRO A 148 -11.22 10.59 19.76
CA PRO A 148 -11.61 11.78 19.00
C PRO A 148 -12.44 12.72 19.84
N PRO A 149 -12.33 14.04 19.62
CA PRO A 149 -13.24 14.94 20.34
C PRO A 149 -14.70 14.71 19.87
N SER A 150 -15.61 14.83 20.81
CA SER A 150 -17.02 14.57 20.56
C SER A 150 -17.91 15.54 21.31
N THR A 151 -19.22 15.37 21.16
CA THR A 151 -20.23 16.27 21.72
C THR A 151 -20.98 15.52 22.82
N PRO A 152 -21.79 16.23 23.62
CA PRO A 152 -22.35 15.56 24.79
C PRO A 152 -23.03 14.19 24.64
N GLY A 153 -23.69 13.92 23.52
CA GLY A 153 -24.45 12.71 23.36
C GLY A 153 -23.60 11.51 23.00
N ALA A 154 -22.30 11.66 22.75
CA ALA A 154 -21.47 10.52 22.35
C ALA A 154 -21.10 9.63 23.53
N ARG A 155 -20.86 8.37 23.23
CA ARG A 155 -20.27 7.42 24.16
C ARG A 155 -18.76 7.51 24.35
N GLY A 156 -18.00 7.93 23.35
N GLY A 156 -18.02 7.84 23.31
CA GLY A 156 -16.53 7.83 23.50
CA GLY A 156 -16.59 7.64 23.45
C GLY A 156 -16.09 6.46 22.97
C GLY A 156 -16.23 6.17 23.38
N VAL A 157 -14.93 5.93 23.37
CA VAL A 157 -14.37 4.73 22.73
C VAL A 157 -13.76 3.79 23.76
N GLN A 158 -13.60 2.52 23.40
CA GLN A 158 -13.09 1.52 24.30
C GLN A 158 -11.59 1.71 24.43
N GLY A 159 -11.15 2.01 25.65
CA GLY A 159 -9.74 2.26 25.90
C GLY A 159 -8.96 1.05 26.36
N ILE A 160 -9.61 0.14 27.11
CA ILE A 160 -8.95 -1.03 27.66
C ILE A 160 -9.96 -2.19 27.66
N LYS A 161 -9.48 -3.39 27.40
CA LYS A 161 -10.31 -4.56 27.45
C LYS A 161 -10.14 -5.17 28.83
N LEU A 162 -11.21 -5.14 29.62
CA LEU A 162 -11.16 -5.61 31.01
C LEU A 162 -11.31 -7.11 31.13
N GLU A 163 -10.50 -7.69 32.01
CA GLU A 163 -10.69 -9.08 32.42
C GLU A 163 -11.89 -9.13 33.36
N LYS A 164 -12.48 -10.30 33.51
CA LYS A 164 -13.61 -10.47 34.41
C LYS A 164 -13.22 -9.99 35.81
N ASN A 165 -14.17 -9.35 36.47
CA ASN A 165 -13.98 -8.86 37.84
C ASN A 165 -13.00 -7.70 38.00
N ASP A 166 -12.48 -7.17 36.90
CA ASP A 166 -11.66 -5.97 37.01
C ASP A 166 -12.50 -4.77 36.60
N GLU A 167 -12.07 -3.58 36.98
CA GLU A 167 -12.71 -2.38 36.52
C GLU A 167 -11.69 -1.25 36.43
N THR A 168 -11.98 -0.26 35.62
CA THR A 168 -11.09 0.86 35.44
C THR A 168 -11.08 1.68 36.72
N SER A 169 -9.90 2.11 37.14
CA SER A 169 -9.66 2.92 38.33
CA SER A 169 -9.79 2.97 38.32
C SER A 169 -9.39 4.39 38.01
N GLY A 170 -8.70 4.67 36.89
CA GLY A 170 -8.37 6.05 36.58
C GLY A 170 -7.57 6.20 35.32
N LEU A 171 -7.30 7.45 35.01
CA LEU A 171 -6.55 7.81 33.80
C LEU A 171 -5.62 8.96 34.10
N ARG A 172 -4.43 8.92 33.51
CA ARG A 172 -3.47 10.00 33.62
C ARG A 172 -2.86 10.29 32.27
N ILE A 173 -2.53 11.55 32.04
CA ILE A 173 -1.73 11.96 30.87
C ILE A 173 -0.24 11.83 31.16
N TRP A 174 0.49 11.19 30.27
CA TRP A 174 1.93 11.09 30.32
C TRP A 174 2.52 11.98 29.24
N ASN A 175 3.41 12.87 29.65
CA ASN A 175 4.08 13.77 28.72
C ASN A 175 5.59 13.82 28.96
N GLY A 176 6.25 12.69 28.71
CA GLY A 176 7.71 12.65 28.69
C GLY A 176 8.36 12.26 30.00
N GLU A 177 7.60 12.11 31.08
CA GLU A 177 8.22 11.88 32.39
C GLU A 177 8.94 10.54 32.47
N PRO A 178 10.15 10.50 33.05
CA PRO A 178 10.90 9.25 33.10
C PRO A 178 10.27 8.16 33.95
N TYR A 179 9.57 8.54 35.03
CA TYR A 179 9.08 7.57 36.00
C TYR A 179 7.58 7.68 36.21
N LEU A 180 7.03 6.62 36.77
CA LEU A 180 5.66 6.59 37.24
C LEU A 180 5.64 6.13 38.70
N LEU A 181 4.84 6.78 39.54
CA LEU A 181 4.62 6.35 40.90
CA LEU A 181 4.63 6.33 40.89
C LEU A 181 3.32 5.54 40.96
N VAL A 182 3.43 4.24 41.21
CA VAL A 182 2.31 3.36 41.45
C VAL A 182 1.83 3.64 42.87
N ILE A 183 0.56 3.98 43.04
CA ILE A 183 -0.01 4.22 44.37
C ILE A 183 -1.19 3.28 44.59
N THR A 184 -1.13 2.51 45.68
N THR A 184 -1.19 2.56 45.69
CA THR A 184 -2.21 1.58 46.06
CA THR A 184 -2.28 1.64 45.96
C THR A 184 -3.10 2.15 47.14
C THR A 184 -3.06 2.07 47.20
N ALA A 185 -4.25 1.50 47.33
CA ALA A 185 -5.26 2.01 48.23
C ALA A 185 -4.83 1.98 49.70
N LYS A 186 -3.94 1.07 50.05
CA LYS A 186 -3.51 0.99 51.43
C LYS A 186 -2.22 1.78 51.68
N GLY A 187 -1.87 2.66 50.76
CA GLY A 187 -0.77 3.56 51.05
C GLY A 187 0.58 3.08 50.60
N ARG A 188 0.62 2.04 49.78
CA ARG A 188 1.89 1.53 49.28
C ARG A 188 2.24 2.17 47.95
N VAL A 189 3.53 2.35 47.73
CA VAL A 189 4.03 3.07 46.57
CA VAL A 189 4.00 3.02 46.52
C VAL A 189 5.27 2.40 46.01
N LYS A 190 5.43 2.45 44.70
CA LYS A 190 6.72 2.15 44.10
C LYS A 190 6.94 3.06 42.90
N LYS A 191 8.19 3.24 42.52
CA LYS A 191 8.59 4.04 41.37
C LYS A 191 9.07 3.10 40.28
N ILE A 192 8.53 3.21 39.08
CA ILE A 192 8.95 2.40 37.94
C ILE A 192 9.28 3.32 36.76
N SER A 193 10.09 2.82 35.83
CA SER A 193 10.32 3.53 34.59
C SER A 193 9.05 3.50 33.75
N HIS A 194 8.76 4.58 33.05
CA HIS A 194 7.65 4.59 32.12
C HIS A 194 7.84 3.52 31.02
N GLU A 195 9.08 3.12 30.76
CA GLU A 195 9.33 2.13 29.71
C GLU A 195 8.80 0.73 30.06
N GLU A 196 8.39 0.52 31.30
CA GLU A 196 7.76 -0.74 31.69
C GLU A 196 6.42 -0.94 30.96
N ILE A 197 5.83 0.14 30.46
CA ILE A 197 4.52 0.07 29.84
C ILE A 197 4.61 0.46 28.37
N PRO A 198 4.50 -0.53 27.47
CA PRO A 198 4.62 -0.21 26.05
C PRO A 198 3.43 0.59 25.56
N LYS A 199 3.68 1.52 24.65
CA LYS A 199 2.61 2.21 23.97
C LYS A 199 2.01 1.31 22.88
N THR A 200 0.70 1.18 22.88
CA THR A 200 0.00 0.39 21.88
C THR A 200 -1.15 1.23 21.31
N ASN A 201 -2.01 0.61 20.49
CA ASN A 201 -3.29 1.24 20.22
C ASN A 201 -4.21 1.09 21.43
N ARG A 202 -5.30 1.83 21.42
CA ARG A 202 -6.32 1.66 22.46
CA ARG A 202 -6.35 1.68 22.42
C ARG A 202 -7.01 0.31 22.32
N GLY A 203 -7.61 -0.16 23.40
CA GLY A 203 -8.41 -1.37 23.38
C GLY A 203 -7.71 -2.65 23.75
N VAL A 204 -6.42 -2.58 24.07
CA VAL A 204 -5.66 -3.74 24.50
C VAL A 204 -5.98 -4.13 25.95
N LYS A 205 -5.47 -5.28 26.38
CA LYS A 205 -5.68 -5.73 27.76
C LYS A 205 -4.80 -4.95 28.73
N GLY A 206 -3.65 -4.48 28.26
CA GLY A 206 -2.79 -3.68 29.09
C GLY A 206 -1.74 -4.48 29.85
N THR A 207 -0.81 -3.77 30.44
CA THR A 207 0.35 -4.32 31.13
C THR A 207 0.12 -4.30 32.63
N GLU A 208 0.40 -5.42 33.29
CA GLU A 208 0.30 -5.53 34.74
CA GLU A 208 0.31 -5.52 34.76
C GLU A 208 1.47 -4.81 35.41
N VAL A 209 1.19 -3.86 36.28
CA VAL A 209 2.25 -3.13 36.94
C VAL A 209 2.16 -3.13 38.45
N SER A 210 1.03 -3.39 39.07
CA SER A 210 0.86 -2.99 40.46
C SER A 210 1.73 -3.83 41.42
N GLY A 211 1.91 -5.11 41.14
CA GLY A 211 2.71 -5.98 41.98
C GLY A 211 2.02 -6.37 43.28
N THR A 212 0.71 -6.16 43.38
CA THR A 212 -0.02 -6.42 44.61
C THR A 212 -1.49 -6.65 44.29
N LYS A 213 -2.19 -7.34 45.17
CA LYS A 213 -3.65 -7.46 45.08
C LYS A 213 -4.35 -6.22 45.61
N ASP A 214 -3.64 -5.37 46.34
CA ASP A 214 -4.18 -4.09 46.78
CA ASP A 214 -4.20 -4.10 46.78
C ASP A 214 -4.57 -3.27 45.55
N THR A 215 -5.68 -2.56 45.65
CA THR A 215 -6.21 -1.79 44.52
C THR A 215 -5.24 -0.70 44.07
N LEU A 216 -5.01 -0.62 42.77
CA LEU A 216 -4.26 0.48 42.16
C LEU A 216 -5.16 1.70 42.07
N VAL A 217 -4.81 2.76 42.78
CA VAL A 217 -5.61 3.96 42.74
CA VAL A 217 -5.57 4.00 42.83
C VAL A 217 -5.01 5.07 41.89
N ASP A 218 -3.70 5.11 41.67
CA ASP A 218 -3.17 6.09 40.76
C ASP A 218 -1.80 5.70 40.25
N LEU A 219 -1.40 6.40 39.20
CA LEU A 219 -0.16 6.17 38.49
CA LEU A 219 -0.15 6.18 38.46
C LEU A 219 0.37 7.54 38.10
N ILE A 220 1.24 8.08 38.95
CA ILE A 220 1.63 9.48 38.86
C ILE A 220 2.92 9.69 38.07
N PRO A 221 2.87 10.36 36.92
CA PRO A 221 4.14 10.65 36.23
C PRO A 221 5.00 11.58 37.07
N ILE A 222 6.30 11.33 37.06
CA ILE A 222 7.24 12.16 37.80
C ILE A 222 8.54 12.29 37.02
N LYS A 223 9.06 13.51 36.96
CA LYS A 223 10.41 13.73 36.41
C LYS A 223 11.45 13.99 37.51
N GLU A 224 11.21 14.98 38.36
CA GLU A 224 12.04 15.17 39.55
C GLU A 224 11.23 15.14 40.82
N GLU A 225 10.13 15.89 40.89
CA GLU A 225 9.43 16.06 42.15
C GLU A 225 7.97 16.38 41.92
N VAL A 226 7.08 15.72 42.66
N VAL A 226 7.10 15.79 42.72
CA VAL A 226 5.67 16.08 42.65
CA VAL A 226 5.68 16.09 42.64
C VAL A 226 5.24 16.48 44.05
C VAL A 226 5.14 16.35 44.03
N GLU A 227 4.13 17.21 44.13
CA GLU A 227 3.44 17.44 45.38
C GLU A 227 1.99 17.02 45.18
N LEU A 228 1.46 16.23 46.11
CA LEU A 228 0.19 15.51 45.95
C LEU A 228 -0.72 15.83 47.09
N LEU A 229 -1.99 16.05 46.80
CA LEU A 229 -3.07 16.01 47.77
C LEU A 229 -3.70 14.65 47.70
N ILE A 230 -3.79 13.95 48.82
CA ILE A 230 -4.27 12.58 48.89
C ILE A 230 -5.46 12.54 49.78
N THR A 231 -6.56 11.94 49.34
CA THR A 231 -7.79 11.88 50.13
C THR A 231 -8.19 10.47 50.37
N THR A 232 -8.89 10.27 51.48
CA THR A 232 -9.20 8.94 51.95
C THR A 232 -10.68 8.72 52.26
N LYS A 233 -11.01 7.45 52.33
CA LYS A 233 -12.38 6.99 52.60
C LYS A 233 -12.87 7.48 53.94
N ASN A 234 -12.01 7.60 54.94
CA ASN A 234 -12.43 7.98 56.27
C ASN A 234 -12.34 9.47 56.54
N GLY A 235 -12.08 10.25 55.49
CA GLY A 235 -12.25 11.68 55.56
C GLY A 235 -10.97 12.49 55.66
N LYS A 236 -9.81 11.86 55.47
CA LYS A 236 -8.57 12.62 55.51
C LYS A 236 -8.32 13.29 54.18
N ALA A 237 -7.56 14.35 54.24
CA ALA A 237 -6.99 14.97 53.07
C ALA A 237 -5.63 15.49 53.49
N PHE A 238 -4.56 14.94 52.94
CA PHE A 238 -3.23 15.30 53.38
C PHE A 238 -2.33 15.54 52.20
N TYR A 239 -1.20 16.18 52.44
CA TYR A 239 -0.35 16.66 51.39
C TYR A 239 1.03 16.06 51.49
N ASP A 240 1.63 15.62 50.41
CA ASP A 240 2.96 15.06 50.46
CA ASP A 240 2.90 14.96 50.42
C ASP A 240 3.78 15.49 49.29
N LYS A 241 5.07 15.61 49.52
CA LYS A 241 6.04 16.03 48.52
C LYS A 241 6.98 14.85 48.29
N ILE A 242 7.11 14.44 47.06
CA ILE A 242 7.92 13.28 46.73
C ILE A 242 8.94 13.65 45.67
N ASN A 243 10.22 13.56 46.00
CA ASN A 243 11.28 13.65 44.99
C ASN A 243 11.58 12.24 44.53
N GLN A 244 11.73 12.03 43.23
CA GLN A 244 11.96 10.68 42.69
C GLN A 244 13.18 10.02 43.32
N LYS A 245 14.20 10.79 43.71
CA LYS A 245 15.39 10.24 44.35
C LYS A 245 15.12 9.52 45.66
N ASP A 246 14.03 9.83 46.31
CA ASP A 246 13.78 9.26 47.61
C ASP A 246 13.01 7.94 47.53
N ILE A 247 12.78 7.45 46.32
CA ILE A 247 12.13 6.16 46.11
C ILE A 247 13.04 5.32 45.22
N PRO A 248 13.42 4.12 45.66
CA PRO A 248 14.22 3.26 44.80
C PRO A 248 13.50 2.93 43.49
N LEU A 249 14.12 2.60 42.46
CA LEU A 249 13.55 2.15 41.20
C LEU A 249 13.15 0.68 41.30
N SER A 250 11.87 0.45 41.02
CA SER A 250 11.29 -0.87 41.10
C SER A 250 10.71 -1.12 39.73
N THR A 251 10.45 -2.38 39.43
CA THR A 251 9.93 -2.76 38.14
C THR A 251 8.44 -3.02 38.29
N LYS A 252 7.81 -3.34 37.17
CA LYS A 252 6.41 -3.72 37.17
C LYS A 252 6.15 -4.95 38.06
N LYS A 253 7.16 -5.76 38.36
CA LYS A 253 7.01 -6.96 39.20
C LYS A 253 7.13 -6.70 40.71
N SER A 254 7.77 -5.61 41.10
CA SER A 254 8.03 -5.37 42.52
C SER A 254 6.79 -5.18 43.37
N ILE A 255 6.83 -5.60 44.63
CA ILE A 255 5.75 -5.34 45.57
C ILE A 255 5.93 -3.91 46.08
N PRO A 256 4.91 -3.08 45.93
CA PRO A 256 4.98 -1.72 46.49
C PRO A 256 5.08 -1.72 48.02
N ARG A 257 5.88 -0.80 48.54
CA ARG A 257 6.11 -0.71 49.98
C ARG A 257 5.30 0.40 50.63
N THR A 258 4.95 0.24 51.90
CA THR A 258 4.11 1.22 52.56
CA THR A 258 4.11 1.23 52.56
C THR A 258 4.85 2.54 52.68
N ARG A 259 4.19 3.61 52.27
CA ARG A 259 4.68 4.96 52.42
C ARG A 259 3.81 5.67 53.45
N TRP A 260 2.49 5.57 53.32
CA TRP A 260 1.53 6.23 54.21
C TRP A 260 0.83 5.19 55.07
N LYS A 261 0.98 5.31 56.37
CA LYS A 261 0.35 4.41 57.31
C LYS A 261 -1.05 4.88 57.60
N LEU A 262 -2.01 4.10 57.11
CA LEU A 262 -3.42 4.47 57.11
C LEU A 262 -4.35 3.46 57.81
N GLU A 263 -3.80 2.42 58.43
CA GLU A 263 -4.59 1.47 59.22
C GLU A 263 -5.80 1.00 58.42
N ASP A 264 -7.02 1.27 58.89
CA ASP A 264 -8.20 0.74 58.19
C ASP A 264 -8.68 1.69 57.10
N ASP A 265 -8.00 2.83 56.97
CA ASP A 265 -8.36 3.79 55.95
C ASP A 265 -7.82 3.37 54.57
N GLU A 266 -8.37 3.98 53.53
CA GLU A 266 -7.91 3.72 52.17
C GLU A 266 -7.91 5.02 51.39
N ILE A 267 -6.93 5.14 50.50
CA ILE A 267 -6.86 6.26 49.57
C ILE A 267 -7.91 6.13 48.50
N ILE A 268 -8.65 7.20 48.22
CA ILE A 268 -9.60 7.20 47.13
C ILE A 268 -9.22 8.12 46.00
N LYS A 269 -8.56 9.26 46.26
CA LYS A 269 -8.11 10.17 45.19
CA LYS A 269 -8.12 10.18 45.21
C LYS A 269 -6.73 10.71 45.48
N VAL A 270 -6.01 10.98 44.42
CA VAL A 270 -4.73 11.66 44.44
C VAL A 270 -4.83 12.80 43.46
N VAL A 271 -4.47 13.99 43.87
CA VAL A 271 -4.47 15.14 43.01
C VAL A 271 -3.06 15.69 42.89
N ILE A 272 -2.56 15.86 41.66
CA ILE A 272 -1.25 16.41 41.44
C ILE A 272 -1.35 17.92 41.57
N LYS A 273 -0.71 18.47 42.58
CA LYS A 273 -0.70 19.91 42.81
C LYS A 273 0.53 20.61 42.28
N LYS A 274 1.65 19.92 42.16
CA LYS A 274 2.85 20.47 41.53
CA LYS A 274 2.85 20.47 41.54
C LYS A 274 3.60 19.32 40.90
N SER A 275 4.26 19.59 39.78
CA SER A 275 5.05 18.58 39.10
C SER A 275 6.16 19.26 38.31
N GLU A 276 7.40 18.93 38.64
CA GLU A 276 8.53 19.49 37.90
C GLU A 276 9.56 18.40 37.66
N GLY B 1 37.89 13.69 6.27
CA GLY B 1 37.73 12.30 6.66
C GLY B 1 36.26 11.89 6.61
N SER B 2 35.99 10.66 7.03
CA SER B 2 34.61 10.15 7.06
C SER B 2 34.41 9.11 8.14
N ILE B 3 33.15 8.86 8.45
CA ILE B 3 32.78 7.85 9.45
C ILE B 3 31.46 7.19 9.05
N THR B 4 31.39 5.88 9.25
CA THR B 4 30.18 5.13 8.94
C THR B 4 29.28 5.10 10.16
N VAL B 5 28.07 5.64 10.00
CA VAL B 5 27.09 5.74 11.07
C VAL B 5 25.80 5.08 10.67
N ALA B 6 25.12 4.54 11.67
CA ALA B 6 23.73 4.15 11.56
C ALA B 6 22.84 5.29 11.95
N VAL B 7 21.78 5.49 11.19
CA VAL B 7 20.72 6.42 11.51
C VAL B 7 19.52 5.62 11.91
N LEU B 8 18.98 5.87 13.09
CA LEU B 8 17.86 5.11 13.62
C LEU B 8 16.54 5.85 13.55
N GLN B 9 15.45 5.10 13.67
CA GLN B 9 14.13 5.66 13.55
C GLN B 9 13.80 6.69 14.61
N ASP B 10 14.46 6.63 15.76
CA ASP B 10 14.23 7.57 16.86
C ASP B 10 15.11 8.82 16.75
N GLY B 11 15.83 9.01 15.65
CA GLY B 11 16.67 10.19 15.51
C GLY B 11 18.10 10.01 15.95
N SER B 12 18.44 8.84 16.47
CA SER B 12 19.83 8.56 16.85
C SER B 12 20.75 8.42 15.65
N ILE B 13 21.96 8.95 15.74
CA ILE B 13 23.00 8.80 14.76
C ILE B 13 24.21 8.31 15.54
N ILE B 14 24.69 7.11 15.26
CA ILE B 14 25.82 6.55 16.01
CA ILE B 14 25.81 6.52 16.01
C ILE B 14 26.79 5.82 15.10
N PRO B 15 28.07 5.82 15.48
CA PRO B 15 29.02 4.96 14.78
C PRO B 15 28.42 3.56 14.65
N VAL B 16 28.52 2.97 13.47
CA VAL B 16 27.79 1.73 13.19
C VAL B 16 28.12 0.59 14.16
N GLU B 17 29.32 0.59 14.70
CA GLU B 17 29.75 -0.47 15.60
C GLU B 17 28.96 -0.48 16.90
N GLU B 18 28.30 0.63 17.21
CA GLU B 18 27.50 0.74 18.42
C GLU B 18 26.06 0.22 18.27
N LEU B 19 25.68 -0.26 17.09
CA LEU B 19 24.32 -0.76 16.89
C LEU B 19 23.80 -1.77 17.92
N PRO B 20 24.65 -2.70 18.39
CA PRO B 20 24.16 -3.66 19.38
C PRO B 20 23.63 -3.01 20.66
N LEU B 21 24.01 -1.75 20.93
CA LEU B 21 23.61 -1.05 22.13
C LEU B 21 22.31 -0.30 21.98
N GLU B 22 21.74 -0.29 20.77
CA GLU B 22 20.57 0.54 20.45
C GLU B 22 19.30 -0.30 20.27
N LYS B 23 18.15 0.26 20.65
CA LYS B 23 16.89 -0.48 20.53
C LYS B 23 15.93 0.04 19.44
N ALA B 24 16.26 1.12 18.76
CA ALA B 24 15.42 1.59 17.67
C ALA B 24 15.87 0.98 16.34
N PRO B 25 14.93 0.73 15.45
CA PRO B 25 15.30 0.17 14.15
C PRO B 25 16.12 1.13 13.31
N VAL B 26 16.84 0.56 12.36
CA VAL B 26 17.73 1.26 11.46
C VAL B 26 16.98 1.79 10.25
N VAL B 27 17.24 3.02 9.91
CA VAL B 27 16.72 3.67 8.71
C VAL B 27 17.75 3.61 7.60
N ASN B 28 19.02 3.85 7.88
CA ASN B 28 20.07 3.80 6.91
C ASN B 28 21.40 3.65 7.59
N ILE B 29 22.40 3.20 6.86
CA ILE B 29 23.79 3.16 7.33
C ILE B 29 24.59 3.86 6.26
N LEU B 30 25.31 4.91 6.59
CA LEU B 30 25.95 5.81 5.62
C LEU B 30 27.38 6.11 6.01
N ARG B 31 28.26 6.19 5.04
CA ARG B 31 29.60 6.72 5.26
C ARG B 31 29.57 8.23 5.01
N VAL B 32 29.67 9.00 6.09
CA VAL B 32 29.45 10.42 6.06
C VAL B 32 30.78 11.17 6.12
N PRO B 33 31.11 11.96 5.09
CA PRO B 33 32.28 12.84 5.20
C PRO B 33 32.08 13.88 6.28
N PHE B 34 33.17 14.27 6.93
CA PHE B 34 33.12 15.27 7.98
C PHE B 34 32.74 16.65 7.46
N THR B 35 32.87 16.83 6.14
CA THR B 35 32.65 18.12 5.49
C THR B 35 31.27 18.26 4.86
N GLU B 36 30.38 17.31 5.13
CA GLU B 36 29.04 17.32 4.53
C GLU B 36 27.96 17.26 5.60
N GLY B 37 26.77 17.75 5.32
CA GLY B 37 25.62 17.54 6.18
C GLY B 37 24.98 16.18 6.00
N LEU B 38 24.59 15.59 7.12
CA LEU B 38 23.77 14.39 7.12
C LEU B 38 22.36 14.85 7.47
N PHE B 39 21.44 14.63 6.53
CA PHE B 39 20.06 15.06 6.65
C PHE B 39 19.14 13.91 6.98
N LEU B 40 18.20 14.18 7.87
CA LEU B 40 17.17 13.23 8.32
C LEU B 40 15.80 13.84 8.03
N VAL B 41 14.86 13.09 7.51
CA VAL B 41 13.49 13.57 7.30
C VAL B 41 12.55 12.69 8.10
N SER B 42 11.64 13.32 8.85
CA SER B 42 10.71 12.58 9.68
C SER B 42 9.35 12.37 9.03
N ASN B 43 8.55 11.50 9.64
CA ASN B 43 7.21 11.24 9.20
C ASN B 43 6.31 12.47 9.32
N ARG B 44 6.73 13.50 10.04
CA ARG B 44 5.96 14.74 10.12
CA ARG B 44 5.94 14.73 10.11
C ARG B 44 6.43 15.72 9.06
N GLY B 45 7.32 15.26 8.19
CA GLY B 45 7.85 16.12 7.14
C GLY B 45 8.83 17.17 7.60
N ARG B 46 9.45 16.93 8.75
CA ARG B 46 10.42 17.85 9.28
C ARG B 46 11.82 17.38 8.99
N VAL B 47 12.72 18.35 8.79
CA VAL B 47 14.08 18.07 8.40
C VAL B 47 15.04 18.40 9.52
N TYR B 48 16.00 17.51 9.79
CA TYR B 48 17.01 17.71 10.80
C TYR B 48 18.36 17.42 10.18
N TRP B 49 19.44 17.96 10.71
CA TRP B 49 20.74 17.66 10.15
C TRP B 49 21.83 17.85 11.18
N ILE B 50 22.91 17.10 11.01
CA ILE B 50 24.14 17.33 11.78
C ILE B 50 25.30 17.35 10.81
N ALA B 51 26.43 17.84 11.28
CA ALA B 51 27.62 17.86 10.45
C ALA B 51 28.85 17.85 11.35
N GLY B 52 29.93 17.25 10.86
CA GLY B 52 31.19 17.29 11.58
C GLY B 52 31.49 16.01 12.35
N SER B 53 32.78 15.72 12.48
CA SER B 53 33.22 14.51 13.15
CA SER B 53 33.22 14.52 13.14
C SER B 53 32.70 14.42 14.58
N GLN B 54 32.64 15.54 15.28
CA GLN B 54 32.25 15.50 16.69
C GLN B 54 30.82 15.02 16.86
N ALA B 55 29.89 15.58 16.10
CA ALA B 55 28.49 15.15 16.17
C ALA B 55 28.35 13.70 15.73
N LEU B 56 29.15 13.28 14.74
CA LEU B 56 28.99 11.94 14.19
C LEU B 56 29.45 10.84 15.14
N GLN B 57 30.15 11.22 16.20
CA GLN B 57 30.55 10.23 17.23
C GLN B 57 29.36 9.74 18.04
N GLY B 58 28.21 10.41 17.88
CA GLY B 58 26.99 9.96 18.53
C GLY B 58 26.14 11.15 18.91
N SER B 59 24.99 11.27 18.29
CA SER B 59 24.07 12.38 18.48
C SER B 59 22.65 11.82 18.41
N LYS B 60 21.67 12.55 18.89
CA LYS B 60 20.27 12.26 18.63
C LYS B 60 19.62 13.58 18.28
N VAL B 61 19.05 13.70 17.10
CA VAL B 61 18.44 14.96 16.70
C VAL B 61 17.27 15.24 17.61
N SER B 62 16.98 16.53 17.77
CA SER B 62 15.94 16.90 18.71
C SER B 62 14.61 17.07 17.98
N LEU B 63 13.89 15.98 17.98
CA LEU B 63 12.63 15.94 17.27
C LEU B 63 11.68 16.93 17.92
N LYS B 64 10.84 17.57 17.12
CA LYS B 64 9.92 18.54 17.67
C LYS B 64 8.84 17.84 18.45
N SER B 65 8.55 16.60 18.07
CA SER B 65 7.65 15.75 18.83
C SER B 65 8.30 14.40 19.05
N ARG B 66 8.24 13.89 20.28
CA ARG B 66 8.81 12.58 20.59
C ARG B 66 8.18 11.43 19.79
N GLU B 67 6.99 11.67 19.21
CA GLU B 67 6.28 10.70 18.37
C GLU B 67 6.83 10.63 16.94
N GLU B 68 7.68 11.56 16.58
CA GLU B 68 8.17 11.60 15.22
C GLU B 68 9.07 10.42 15.05
N LYS B 69 9.12 9.94 13.83
CA LYS B 69 10.00 8.86 13.46
C LYS B 69 10.74 9.29 12.21
N ILE B 70 11.99 8.91 12.10
CA ILE B 70 12.77 9.20 10.90
C ILE B 70 12.40 8.21 9.82
N VAL B 71 12.15 8.69 8.61
CA VAL B 71 11.76 7.84 7.50
C VAL B 71 12.77 7.82 6.39
N GLY B 72 13.78 8.68 6.41
CA GLY B 72 14.85 8.63 5.42
C GLY B 72 16.01 9.51 5.87
N ALA B 73 17.18 9.22 5.34
CA ALA B 73 18.37 9.99 5.65
C ALA B 73 19.28 10.02 4.45
N PHE B 74 19.99 11.12 4.25
CA PHE B 74 20.85 11.24 3.09
C PHE B 74 21.97 12.23 3.33
N ILE B 75 22.95 12.20 2.44
CA ILE B 75 23.98 13.21 2.38
C ILE B 75 23.67 14.09 1.17
N ARG B 76 23.87 15.43 1.18
CA ARG B 76 23.48 16.22 0.01
C ARG B 76 24.27 15.77 -1.14
N GLU B 77 25.47 15.53 -0.83
CA GLU B 77 26.32 15.10 -1.96
C GLU B 77 25.85 13.88 -2.79
N LYS B 78 25.28 12.89 -2.14
CA LYS B 78 24.84 11.66 -2.79
C LYS B 78 23.45 11.89 -3.35
N PHE B 79 22.94 13.08 -3.16
CA PHE B 79 21.55 13.42 -3.40
C PHE B 79 21.41 14.49 -4.47
N GLY B 80 20.31 14.46 -5.18
CA GLY B 80 20.01 15.40 -6.24
C GLY B 80 19.59 16.78 -5.75
N ASN B 81 19.15 17.59 -6.70
CA ASN B 81 18.73 18.96 -6.41
C ASN B 81 17.32 19.06 -5.85
N ARG B 82 16.51 18.01 -6.02
CA ARG B 82 15.14 18.04 -5.56
C ARG B 82 14.81 16.76 -4.79
N LEU B 83 14.09 16.94 -3.69
CA LEU B 83 13.66 15.82 -2.88
CA LEU B 83 13.65 15.84 -2.85
C LEU B 83 12.21 15.51 -3.18
N LEU B 84 11.94 14.24 -3.42
CA LEU B 84 10.57 13.75 -3.50
C LEU B 84 10.15 13.10 -2.21
N LEU B 85 8.92 13.32 -1.82
CA LEU B 85 8.35 12.55 -0.77
CA LEU B 85 8.28 12.73 -0.64
C LEU B 85 7.00 12.08 -1.07
N ALA B 86 6.63 10.99 -0.40
CA ALA B 86 5.33 10.36 -0.53
C ALA B 86 4.68 10.34 0.84
N THR B 87 3.35 10.52 0.88
CA THR B 87 2.57 10.45 2.12
C THR B 87 1.66 9.23 2.17
N LYS B 88 1.31 8.84 3.38
CA LYS B 88 0.42 7.71 3.63
C LYS B 88 -0.87 7.84 2.87
N LYS B 89 -1.43 9.04 2.77
CA LYS B 89 -2.73 9.24 2.12
C LYS B 89 -2.60 9.34 0.61
N GLY B 90 -1.41 9.16 0.05
CA GLY B 90 -1.25 9.04 -1.39
C GLY B 90 -0.77 10.28 -2.10
N TYR B 91 -0.31 11.27 -1.33
CA TYR B 91 0.18 12.50 -1.91
C TYR B 91 1.68 12.44 -2.14
N VAL B 92 2.13 13.27 -3.07
CA VAL B 92 3.53 13.35 -3.43
CA VAL B 92 3.53 13.34 -3.44
CA VAL B 92 3.53 13.32 -3.45
C VAL B 92 3.93 14.81 -3.56
N LYS B 93 5.18 15.11 -3.27
CA LYS B 93 5.67 16.47 -3.32
C LYS B 93 7.12 16.45 -3.76
N LYS B 94 7.51 17.50 -4.48
CA LYS B 94 8.88 17.70 -4.94
C LYS B 94 9.37 19.03 -4.42
N ILE B 95 10.41 19.02 -3.58
CA ILE B 95 10.90 20.23 -2.91
C ILE B 95 12.37 20.45 -3.25
N PRO B 96 12.71 21.60 -3.82
CA PRO B 96 14.14 21.88 -4.04
C PRO B 96 14.90 21.93 -2.73
N LEU B 97 16.04 21.28 -2.72
CA LEU B 97 16.93 21.32 -1.55
CA LEU B 97 16.94 21.32 -1.54
C LEU B 97 17.30 22.77 -1.20
N ALA B 98 17.41 23.62 -2.21
CA ALA B 98 17.84 24.97 -1.95
C ALA B 98 16.84 25.67 -1.05
N GLU B 99 15.59 25.22 -0.99
CA GLU B 99 14.61 25.89 -0.14
C GLU B 99 14.65 25.48 1.33
N PHE B 100 15.37 24.42 1.66
CA PHE B 100 15.37 23.97 3.04
C PHE B 100 16.71 23.56 3.62
N GLU B 101 17.73 23.45 2.80
CA GLU B 101 19.05 22.96 3.22
C GLU B 101 19.63 23.81 4.35
N TYR B 102 20.25 23.15 5.34
CA TYR B 102 21.04 23.82 6.37
C TYR B 102 20.29 24.94 7.06
N LYS B 103 19.02 24.75 7.32
CA LYS B 103 18.20 25.69 8.01
C LYS B 103 17.79 25.11 9.36
N ALA B 104 16.94 25.82 10.09
CA ALA B 104 16.68 25.55 11.50
C ALA B 104 16.25 24.11 11.67
N GLN B 105 16.57 23.41 12.68
CA GLN B 105 16.25 22.02 12.97
C GLN B 105 14.76 21.85 13.08
N GLY B 106 14.25 20.78 12.47
CA GLY B 106 12.82 20.54 12.48
C GLY B 106 12.03 21.34 11.46
N MET B 107 12.71 22.07 10.58
CA MET B 107 11.99 22.82 9.54
C MET B 107 11.02 21.91 8.79
N PRO B 108 9.75 22.30 8.73
CA PRO B 108 8.78 21.52 7.95
C PRO B 108 8.88 21.79 6.45
N ILE B 109 8.70 20.75 5.66
CA ILE B 109 8.79 20.88 4.20
C ILE B 109 7.57 20.36 3.48
N ILE B 110 6.51 20.07 4.21
CA ILE B 110 5.23 19.73 3.59
C ILE B 110 4.08 20.00 4.56
N LYS B 111 3.02 20.62 4.07
CA LYS B 111 1.79 20.75 4.83
C LYS B 111 1.00 19.46 4.74
N LEU B 112 0.86 18.77 5.87
CA LEU B 112 0.15 17.49 5.93
C LEU B 112 -1.24 17.69 6.53
N THR B 113 -2.25 17.10 5.92
CA THR B 113 -3.56 17.08 6.57
C THR B 113 -3.50 16.20 7.81
N GLU B 114 -4.43 16.45 8.72
CA GLU B 114 -4.50 15.68 9.96
C GLU B 114 -4.54 14.19 9.64
N GLY B 115 -3.69 13.42 10.29
CA GLY B 115 -3.65 11.98 10.12
C GLY B 115 -2.68 11.49 9.05
N ASP B 116 -2.24 12.39 8.18
CA ASP B 116 -1.31 12.01 7.12
C ASP B 116 0.14 12.08 7.65
N GLU B 117 1.03 11.32 7.03
CA GLU B 117 2.43 11.21 7.43
CA GLU B 117 2.43 11.36 7.38
C GLU B 117 3.27 10.99 6.18
N VAL B 118 4.51 11.47 6.17
CA VAL B 118 5.46 11.10 5.14
C VAL B 118 5.89 9.67 5.39
N VAL B 119 5.91 8.84 4.34
CA VAL B 119 6.32 7.47 4.47
C VAL B 119 7.67 7.19 3.84
N SER B 120 8.10 8.02 2.89
CA SER B 120 9.38 7.78 2.25
C SER B 120 9.84 9.00 1.49
N ILE B 121 11.13 9.03 1.19
CA ILE B 121 11.75 10.10 0.42
C ILE B 121 12.59 9.47 -0.67
N ALA B 122 12.89 10.28 -1.68
CA ALA B 122 13.71 9.85 -2.80
C ALA B 122 14.35 11.04 -3.44
N SER B 123 15.51 10.85 -4.04
CA SER B 123 16.14 11.91 -4.82
C SER B 123 15.50 11.94 -6.21
N SER B 124 15.03 13.11 -6.64
CA SER B 124 14.40 13.20 -7.94
C SER B 124 15.45 13.14 -9.03
N VAL B 125 15.04 12.66 -10.20
CA VAL B 125 15.86 12.57 -11.42
C VAL B 125 14.98 12.98 -12.57
N ASP B 126 15.42 13.92 -13.40
N ASP B 126 15.46 13.90 -13.39
CA ASP B 126 14.59 14.36 -14.49
CA ASP B 126 14.74 14.36 -14.56
C ASP B 126 14.46 13.25 -15.54
C ASP B 126 14.47 13.21 -15.55
N GLU B 127 13.37 13.30 -16.28
CA GLU B 127 13.09 12.37 -17.37
C GLU B 127 13.05 10.93 -16.90
N THR B 128 12.36 10.71 -15.79
CA THR B 128 12.13 9.38 -15.28
C THR B 128 10.66 9.24 -14.93
N HIS B 129 10.27 8.04 -14.49
CA HIS B 129 8.93 7.84 -13.97
C HIS B 129 8.99 7.65 -12.45
N ILE B 130 7.97 8.13 -11.77
CA ILE B 130 7.72 7.80 -10.39
C ILE B 130 6.86 6.57 -10.32
N LEU B 131 7.26 5.61 -9.49
CA LEU B 131 6.47 4.47 -9.09
C LEU B 131 6.03 4.71 -7.66
N LEU B 132 4.74 4.91 -7.45
CA LEU B 132 4.16 5.25 -6.16
C LEU B 132 3.29 4.06 -5.77
N PHE B 133 3.61 3.39 -4.68
CA PHE B 133 2.98 2.10 -4.40
C PHE B 133 2.46 1.98 -2.98
N THR B 134 1.57 1.01 -2.82
CA THR B 134 0.76 0.88 -1.61
C THR B 134 1.00 -0.44 -0.91
N LYS B 135 0.60 -0.47 0.36
CA LYS B 135 0.73 -1.67 1.16
CA LYS B 135 0.74 -1.68 1.15
C LYS B 135 0.06 -2.87 0.51
N LYS B 136 -1.14 -2.66 -0.05
CA LYS B 136 -1.92 -3.75 -0.61
C LYS B 136 -1.43 -4.11 -2.01
N GLY B 137 -0.42 -3.41 -2.52
CA GLY B 137 0.29 -3.81 -3.72
C GLY B 137 -0.06 -3.09 -5.00
N ARG B 138 -0.76 -1.95 -4.91
N ARG B 138 -0.72 -1.94 -4.92
CA ARG B 138 -1.07 -1.11 -6.06
CA ARG B 138 -1.04 -1.18 -6.12
C ARG B 138 0.15 -0.26 -6.41
C ARG B 138 0.03 -0.13 -6.42
N VAL B 139 0.31 0.03 -7.71
CA VAL B 139 1.38 0.91 -8.17
CA VAL B 139 1.36 0.93 -8.14
C VAL B 139 0.85 1.90 -9.20
N ALA B 140 1.02 3.19 -8.95
CA ALA B 140 0.78 4.24 -9.95
C ALA B 140 2.12 4.64 -10.55
N ARG B 141 2.18 4.77 -11.86
CA ARG B 141 3.38 5.06 -12.59
C ARG B 141 3.13 6.26 -13.46
N PHE B 142 3.91 7.32 -13.27
CA PHE B 142 3.71 8.55 -14.02
C PHE B 142 4.99 9.32 -14.15
N SER B 143 5.05 10.24 -15.12
CA SER B 143 6.23 11.06 -15.28
C SER B 143 6.57 11.86 -14.02
N VAL B 144 7.85 11.96 -13.74
CA VAL B 144 8.33 12.81 -12.68
C VAL B 144 7.88 14.27 -12.90
N ARG B 145 7.60 14.66 -14.15
CA ARG B 145 7.18 16.03 -14.44
C ARG B 145 5.77 16.33 -13.96
N GLU B 146 5.04 15.31 -13.56
CA GLU B 146 3.69 15.48 -13.03
C GLU B 146 3.67 16.08 -11.62
N VAL B 147 4.84 16.17 -10.97
CA VAL B 147 4.95 16.69 -9.62
C VAL B 147 5.87 17.92 -9.70
N PRO B 148 5.30 19.10 -9.92
CA PRO B 148 6.16 20.28 -10.06
CA PRO B 148 6.11 20.31 -10.05
C PRO B 148 6.81 20.64 -8.75
N PRO B 149 8.01 21.24 -8.84
CA PRO B 149 8.64 21.70 -7.61
C PRO B 149 7.76 22.71 -6.86
N SER B 150 7.80 22.63 -5.54
CA SER B 150 6.92 23.42 -4.67
CA SER B 150 7.01 23.55 -4.74
C SER B 150 7.70 23.92 -3.44
N THR B 151 7.22 24.98 -2.82
CA THR B 151 7.86 25.58 -1.65
CA THR B 151 7.86 25.57 -1.66
C THR B 151 7.54 24.75 -0.40
N PRO B 152 8.36 24.87 0.65
CA PRO B 152 8.12 24.04 1.84
C PRO B 152 6.71 24.12 2.45
N GLY B 153 6.07 25.27 2.42
CA GLY B 153 4.78 25.43 3.08
C GLY B 153 3.63 24.76 2.36
N ALA B 154 3.83 24.36 1.11
CA ALA B 154 2.75 23.84 0.32
C ALA B 154 2.36 22.39 0.65
N ARG B 155 1.13 22.04 0.34
CA ARG B 155 0.69 20.66 0.39
C ARG B 155 1.32 19.90 -0.77
N GLY B 156 1.34 18.58 -0.69
CA GLY B 156 1.63 17.77 -1.86
C GLY B 156 0.43 17.71 -2.78
N VAL B 157 0.56 16.97 -3.87
CA VAL B 157 -0.51 16.75 -4.84
C VAL B 157 -0.86 15.27 -4.87
N GLN B 158 -2.04 14.93 -5.34
CA GLN B 158 -2.48 13.56 -5.25
C GLN B 158 -1.75 12.70 -6.27
N GLY B 159 -1.12 11.64 -5.77
CA GLY B 159 -0.37 10.76 -6.62
C GLY B 159 -1.09 9.46 -6.93
N ILE B 160 -1.79 8.93 -5.96
CA ILE B 160 -2.50 7.66 -6.13
C ILE B 160 -3.81 7.77 -5.35
N LYS B 161 -4.89 7.26 -5.94
CA LYS B 161 -6.19 7.18 -5.30
C LYS B 161 -6.30 5.85 -4.57
N LEU B 162 -6.41 5.91 -3.24
CA LEU B 162 -6.40 4.73 -2.40
C LEU B 162 -7.76 4.11 -2.24
N GLU B 163 -7.80 2.77 -2.21
CA GLU B 163 -9.00 2.04 -1.86
C GLU B 163 -9.12 2.04 -0.34
N LYS B 164 -10.28 1.65 0.16
CA LYS B 164 -10.49 1.64 1.59
C LYS B 164 -9.47 0.73 2.20
N ASN B 165 -8.92 1.18 3.27
CA ASN B 165 -8.02 0.46 4.10
C ASN B 165 -6.68 0.14 3.44
N ASP B 166 -6.37 0.79 2.32
CA ASP B 166 -5.01 0.84 1.78
C ASP B 166 -4.29 2.09 2.22
N GLU B 167 -2.97 2.01 2.20
CA GLU B 167 -2.07 3.11 2.56
C GLU B 167 -0.88 3.10 1.62
N THR B 168 -0.36 4.26 1.30
CA THR B 168 0.86 4.34 0.52
C THR B 168 2.03 3.80 1.35
N SER B 169 2.90 2.99 0.74
N SER B 169 2.90 3.03 0.68
CA SER B 169 4.07 2.49 1.45
CA SER B 169 4.05 2.37 1.32
C SER B 169 5.38 3.08 0.95
C SER B 169 5.40 2.91 0.86
N GLY B 170 5.47 3.54 -0.31
CA GLY B 170 6.75 4.07 -0.77
C GLY B 170 6.70 4.61 -2.16
N LEU B 171 7.82 5.07 -2.63
CA LEU B 171 8.06 5.76 -3.90
C LEU B 171 9.45 5.39 -4.42
N ARG B 172 9.56 5.04 -5.71
CA ARG B 172 10.84 4.81 -6.34
C ARG B 172 10.85 5.48 -7.69
N ILE B 173 12.03 5.91 -8.09
CA ILE B 173 12.31 6.39 -9.43
C ILE B 173 12.65 5.23 -10.36
N TRP B 174 11.97 5.19 -11.51
CA TRP B 174 12.27 4.23 -12.58
C TRP B 174 12.96 4.99 -13.70
N ASN B 175 14.15 4.51 -14.06
CA ASN B 175 14.90 5.13 -15.13
C ASN B 175 15.41 3.99 -16.01
N GLY B 176 14.50 3.41 -16.78
CA GLY B 176 14.85 2.52 -17.88
C GLY B 176 15.11 1.05 -17.53
N GLU B 177 15.07 0.69 -16.26
CA GLU B 177 15.40 -0.66 -15.88
C GLU B 177 14.38 -1.68 -16.41
N PRO B 178 14.87 -2.82 -16.88
CA PRO B 178 13.89 -3.76 -17.46
C PRO B 178 12.98 -4.40 -16.43
N TYR B 179 13.45 -4.57 -15.20
CA TYR B 179 12.72 -5.35 -14.21
C TYR B 179 12.48 -4.56 -12.93
N LEU B 180 11.54 -5.04 -12.12
CA LEU B 180 11.31 -4.53 -10.77
C LEU B 180 11.28 -5.71 -9.82
N LEU B 181 11.91 -5.55 -8.67
CA LEU B 181 11.84 -6.52 -7.60
C LEU B 181 10.77 -6.07 -6.62
N VAL B 182 9.70 -6.85 -6.54
CA VAL B 182 8.69 -6.71 -5.50
C VAL B 182 9.25 -7.26 -4.21
N ILE B 183 9.22 -6.48 -3.13
CA ILE B 183 9.73 -6.89 -1.81
C ILE B 183 8.61 -6.71 -0.81
N THR B 184 8.29 -7.77 -0.07
CA THR B 184 7.20 -7.72 0.91
C THR B 184 7.74 -7.65 2.34
N ALA B 185 6.87 -7.33 3.30
CA ALA B 185 7.23 -7.15 4.68
C ALA B 185 7.84 -8.40 5.27
N LYS B 186 7.37 -9.60 4.90
CA LYS B 186 7.94 -10.84 5.39
C LYS B 186 9.05 -11.39 4.51
N GLY B 187 9.65 -10.56 3.70
CA GLY B 187 10.85 -10.96 3.00
C GLY B 187 10.61 -11.80 1.77
N ARG B 188 9.41 -11.71 1.19
CA ARG B 188 9.13 -12.37 -0.07
C ARG B 188 9.57 -11.46 -1.22
N VAL B 189 10.07 -12.06 -2.29
CA VAL B 189 10.61 -11.33 -3.43
C VAL B 189 10.20 -11.98 -4.75
N LYS B 190 9.79 -11.19 -5.71
CA LYS B 190 9.66 -11.67 -7.09
C LYS B 190 10.15 -10.60 -8.05
N LYS B 191 10.46 -11.02 -9.28
CA LYS B 191 10.91 -10.12 -10.31
C LYS B 191 9.81 -10.04 -11.38
N ILE B 192 9.36 -8.85 -11.70
CA ILE B 192 8.41 -8.63 -12.79
C ILE B 192 9.00 -7.67 -13.83
N SER B 193 8.44 -7.70 -15.02
CA SER B 193 8.84 -6.78 -16.08
C SER B 193 8.20 -5.44 -15.87
N HIS B 194 8.94 -4.38 -16.13
CA HIS B 194 8.38 -3.06 -16.00
C HIS B 194 7.21 -2.84 -16.97
N GLU B 195 7.24 -3.56 -18.11
CA GLU B 195 6.23 -3.43 -19.14
C GLU B 195 4.81 -3.72 -18.58
N GLU B 196 4.73 -4.46 -17.46
CA GLU B 196 3.45 -4.83 -16.87
C GLU B 196 2.75 -3.67 -16.20
N ILE B 197 3.45 -2.55 -15.98
CA ILE B 197 2.84 -1.41 -15.27
C ILE B 197 2.68 -0.26 -16.24
N PRO B 198 1.43 0.11 -16.58
CA PRO B 198 1.28 1.17 -17.59
C PRO B 198 1.60 2.55 -17.02
N LYS B 199 2.13 3.42 -17.87
N LYS B 199 2.15 3.40 -17.86
CA LYS B 199 2.39 4.81 -17.51
CA LYS B 199 2.37 4.80 -17.51
C LYS B 199 1.13 5.62 -17.75
C LYS B 199 1.03 5.51 -17.68
N THR B 200 0.67 6.32 -16.71
CA THR B 200 -0.55 7.10 -16.76
C THR B 200 -0.26 8.48 -16.24
N ASN B 201 -1.28 9.31 -16.07
CA ASN B 201 -1.12 10.52 -15.28
C ASN B 201 -1.10 10.15 -13.80
N ARG B 202 -0.70 11.09 -12.96
CA ARG B 202 -0.83 10.85 -11.53
C ARG B 202 -2.30 10.88 -11.11
N GLY B 203 -2.58 10.30 -9.95
CA GLY B 203 -3.92 10.37 -9.38
C GLY B 203 -4.81 9.20 -9.71
N VAL B 204 -4.26 8.18 -10.37
CA VAL B 204 -5.00 6.99 -10.74
C VAL B 204 -5.05 5.99 -9.56
N LYS B 205 -5.87 4.95 -9.69
CA LYS B 205 -5.96 3.90 -8.69
C LYS B 205 -4.70 3.04 -8.70
N GLY B 206 -4.11 2.89 -9.87
CA GLY B 206 -2.91 2.11 -9.91
C GLY B 206 -3.20 0.65 -10.18
N THR B 207 -2.12 -0.05 -10.40
CA THR B 207 -2.12 -1.38 -10.89
C THR B 207 -1.67 -2.39 -9.83
N GLU B 208 -2.39 -3.48 -9.59
CA GLU B 208 -1.98 -4.50 -8.61
C GLU B 208 -0.77 -5.31 -9.10
N VAL B 209 0.32 -5.27 -8.34
CA VAL B 209 1.52 -6.05 -8.68
C VAL B 209 2.00 -7.09 -7.66
N SER B 210 1.60 -6.94 -6.39
CA SER B 210 2.18 -7.75 -5.30
C SER B 210 1.91 -9.25 -5.41
N GLY B 211 0.68 -9.60 -5.78
CA GLY B 211 0.24 -10.97 -5.82
C GLY B 211 0.14 -11.67 -4.47
N THR B 212 0.04 -10.92 -3.37
CA THR B 212 -0.01 -11.50 -2.05
C THR B 212 -0.73 -10.55 -1.13
N LYS B 213 -1.20 -11.12 -0.03
CA LYS B 213 -1.73 -10.35 1.09
C LYS B 213 -0.62 -9.84 2.00
N ASP B 214 0.58 -10.36 1.83
CA ASP B 214 1.74 -9.79 2.54
C ASP B 214 1.93 -8.35 2.05
N THR B 215 2.22 -7.42 2.94
CA THR B 215 2.39 -6.02 2.63
C THR B 215 3.54 -5.74 1.69
N LEU B 216 3.31 -4.90 0.70
CA LEU B 216 4.36 -4.45 -0.22
C LEU B 216 5.17 -3.35 0.45
N VAL B 217 6.47 -3.60 0.63
CA VAL B 217 7.33 -2.58 1.25
C VAL B 217 8.26 -1.90 0.25
N ASP B 218 8.57 -2.49 -0.90
CA ASP B 218 9.39 -1.78 -1.87
C ASP B 218 9.25 -2.43 -3.23
N LEU B 219 9.72 -1.69 -4.23
CA LEU B 219 9.65 -2.05 -5.62
CA LEU B 219 9.65 -2.05 -5.64
C LEU B 219 10.93 -1.55 -6.24
N ILE B 220 11.92 -2.42 -6.33
CA ILE B 220 13.28 -2.02 -6.66
C ILE B 220 13.58 -2.21 -8.14
N PRO B 221 13.85 -1.13 -8.86
CA PRO B 221 14.27 -1.32 -10.26
C PRO B 221 15.57 -2.07 -10.34
N ILE B 222 15.69 -2.97 -11.31
CA ILE B 222 16.94 -3.69 -11.52
C ILE B 222 17.18 -3.99 -13.00
N LYS B 223 18.41 -3.72 -13.43
CA LYS B 223 18.84 -4.06 -14.79
C LYS B 223 19.67 -5.34 -14.86
N GLU B 224 20.74 -5.41 -14.07
CA GLU B 224 21.48 -6.66 -13.88
C GLU B 224 21.75 -7.08 -12.44
N GLU B 225 22.16 -6.16 -11.59
CA GLU B 225 22.40 -6.44 -10.18
C GLU B 225 22.06 -5.24 -9.34
N VAL B 226 21.69 -5.53 -8.10
CA VAL B 226 21.62 -4.53 -7.04
C VAL B 226 22.26 -5.07 -5.75
N GLU B 227 22.83 -4.13 -5.00
CA GLU B 227 23.25 -4.37 -3.63
CA GLU B 227 23.26 -4.34 -3.62
C GLU B 227 22.31 -3.58 -2.72
N LEU B 228 21.75 -4.27 -1.73
CA LEU B 228 20.72 -3.72 -0.87
C LEU B 228 21.13 -3.79 0.61
N LEU B 229 20.70 -2.80 1.38
CA LEU B 229 20.67 -2.86 2.82
C LEU B 229 19.20 -3.05 3.20
N ILE B 230 18.92 -4.06 4.01
CA ILE B 230 17.57 -4.38 4.43
C ILE B 230 17.50 -4.17 5.94
N THR B 231 16.50 -3.45 6.43
CA THR B 231 16.37 -3.26 7.86
C THR B 231 14.97 -3.66 8.33
N THR B 232 14.89 -4.06 9.60
CA THR B 232 13.64 -4.64 10.10
C THR B 232 13.14 -3.98 11.37
N LYS B 233 11.88 -4.16 11.69
CA LYS B 233 11.24 -3.60 12.85
C LYS B 233 11.91 -4.03 14.14
N ASN B 234 12.48 -5.23 14.19
CA ASN B 234 13.07 -5.75 15.43
C ASN B 234 14.56 -5.52 15.48
N GLY B 235 15.08 -4.72 14.56
CA GLY B 235 16.44 -4.18 14.69
C GLY B 235 17.50 -4.83 13.84
N LYS B 236 17.11 -5.69 12.91
CA LYS B 236 18.08 -6.27 12.00
C LYS B 236 18.50 -5.22 10.97
N ALA B 237 19.73 -5.36 10.48
CA ALA B 237 20.22 -4.57 9.37
C ALA B 237 21.24 -5.46 8.69
N PHE B 238 20.94 -5.85 7.46
CA PHE B 238 21.83 -6.76 6.74
C PHE B 238 21.89 -6.42 5.27
N TYR B 239 22.96 -6.85 4.62
CA TYR B 239 23.16 -6.58 3.22
C TYR B 239 22.95 -7.82 2.38
N ASP B 240 22.56 -7.60 1.15
CA ASP B 240 22.38 -8.67 0.21
C ASP B 240 22.63 -8.16 -1.19
N LYS B 241 23.00 -9.07 -2.07
N LYS B 241 23.04 -9.06 -2.06
CA LYS B 241 23.23 -8.77 -3.48
CA LYS B 241 23.19 -8.75 -3.47
C LYS B 241 22.31 -9.65 -4.33
C LYS B 241 22.20 -9.63 -4.24
N ILE B 242 21.51 -9.04 -5.20
CA ILE B 242 20.58 -9.78 -6.06
C ILE B 242 20.92 -9.52 -7.52
N ASN B 243 21.28 -10.59 -8.23
CA ASN B 243 21.45 -10.53 -9.68
C ASN B 243 20.17 -11.04 -10.33
N GLN B 244 19.65 -10.28 -11.28
CA GLN B 244 18.36 -10.63 -11.88
C GLN B 244 18.33 -12.03 -12.45
N LYS B 245 19.47 -12.53 -12.90
CA LYS B 245 19.49 -13.83 -13.55
CA LYS B 245 19.52 -13.85 -13.54
C LYS B 245 19.14 -14.94 -12.56
N ASP B 246 19.28 -14.67 -11.27
CA ASP B 246 18.98 -15.67 -10.25
C ASP B 246 17.55 -15.63 -9.74
N ILE B 247 16.75 -14.70 -10.24
CA ILE B 247 15.33 -14.64 -9.87
C ILE B 247 14.49 -14.75 -11.14
N PRO B 248 13.69 -15.82 -11.25
CA PRO B 248 12.90 -16.03 -12.47
C PRO B 248 11.91 -14.91 -12.72
N LEU B 249 11.53 -14.70 -13.98
CA LEU B 249 10.52 -13.71 -14.29
C LEU B 249 9.18 -14.24 -13.86
N SER B 250 8.48 -13.46 -13.08
CA SER B 250 7.15 -13.77 -12.59
C SER B 250 6.14 -12.81 -13.17
N THR B 251 4.86 -13.04 -12.97
CA THR B 251 3.83 -12.14 -13.41
C THR B 251 3.30 -11.31 -12.25
N LYS B 252 2.41 -10.38 -12.53
CA LYS B 252 1.78 -9.61 -11.47
CA LYS B 252 1.76 -9.60 -11.48
C LYS B 252 0.94 -10.46 -10.53
N LYS B 253 0.43 -11.58 -11.02
CA LYS B 253 -0.41 -12.43 -10.20
C LYS B 253 0.38 -13.44 -9.38
N SER B 254 1.63 -13.70 -9.73
CA SER B 254 2.43 -14.70 -9.04
C SER B 254 2.56 -14.33 -7.55
N ILE B 255 2.53 -15.32 -6.69
CA ILE B 255 2.80 -15.08 -5.28
C ILE B 255 4.31 -15.13 -5.06
N PRO B 256 4.91 -14.05 -4.51
CA PRO B 256 6.36 -14.02 -4.34
C PRO B 256 6.83 -15.06 -3.33
N ARG B 257 8.00 -15.63 -3.58
CA ARG B 257 8.59 -16.65 -2.74
C ARG B 257 9.43 -16.00 -1.67
N THR B 258 9.57 -16.64 -0.52
CA THR B 258 10.33 -16.10 0.59
C THR B 258 11.80 -16.11 0.25
N ARG B 259 12.47 -14.97 0.43
CA ARG B 259 13.90 -14.90 0.26
C ARG B 259 14.57 -14.82 1.63
N TRP B 260 14.02 -14.00 2.51
CA TRP B 260 14.56 -13.81 3.85
C TRP B 260 13.53 -14.26 4.85
N LYS B 261 13.90 -15.21 5.69
CA LYS B 261 13.01 -15.72 6.72
C LYS B 261 13.07 -14.80 7.92
N LEU B 262 11.93 -14.22 8.25
CA LEU B 262 11.85 -13.22 9.28
C LEU B 262 10.81 -13.49 10.36
N GLU B 263 10.11 -14.61 10.28
CA GLU B 263 9.17 -15.03 11.32
C GLU B 263 8.23 -13.89 11.72
N ASP B 264 8.26 -13.45 12.98
CA ASP B 264 7.39 -12.35 13.44
C ASP B 264 7.93 -10.97 13.19
N ASP B 265 9.13 -10.90 12.66
CA ASP B 265 9.74 -9.60 12.30
C ASP B 265 9.20 -9.16 10.93
N GLU B 266 9.57 -7.95 10.52
N GLU B 266 9.53 -7.94 10.50
CA GLU B 266 9.17 -7.43 9.23
CA GLU B 266 9.09 -7.42 9.22
C GLU B 266 10.24 -6.48 8.73
C GLU B 266 10.05 -6.35 8.72
N ILE B 267 10.36 -6.38 7.43
CA ILE B 267 11.15 -5.34 6.81
C ILE B 267 10.47 -4.00 6.94
N ILE B 268 11.24 -2.97 7.30
CA ILE B 268 10.73 -1.60 7.32
C ILE B 268 11.41 -0.69 6.28
N LYS B 269 12.64 -1.00 5.88
CA LYS B 269 13.33 -0.22 4.84
C LYS B 269 14.21 -1.09 4.00
N VAL B 270 14.31 -0.73 2.73
CA VAL B 270 15.28 -1.26 1.82
C VAL B 270 16.03 -0.06 1.24
N VAL B 271 17.35 -0.09 1.27
CA VAL B 271 18.16 0.98 0.72
C VAL B 271 19.02 0.42 -0.37
N ILE B 272 18.93 1.06 -1.54
CA ILE B 272 19.71 0.61 -2.68
C ILE B 272 21.12 1.20 -2.55
N LYS B 273 22.11 0.33 -2.43
CA LYS B 273 23.50 0.75 -2.25
C LYS B 273 24.31 0.71 -3.55
N LYS B 274 23.89 -0.12 -4.50
CA LYS B 274 24.51 -0.16 -5.83
C LYS B 274 23.50 -0.70 -6.80
N SER B 275 23.52 -0.18 -8.02
CA SER B 275 22.59 -0.62 -9.05
C SER B 275 23.27 -0.51 -10.42
N GLU B 276 23.45 -1.65 -11.09
CA GLU B 276 23.99 -1.62 -12.46
C GLU B 276 23.29 -2.64 -13.36
N GLY C 1 0.31 -4.68 -62.73
CA GLY C 1 -0.05 -3.87 -61.59
C GLY C 1 0.06 -4.63 -60.27
N SER C 2 -0.18 -5.93 -60.32
CA SER C 2 -0.13 -6.70 -59.09
C SER C 2 0.02 -8.17 -59.42
N ILE C 3 0.43 -8.93 -58.40
CA ILE C 3 0.52 -10.38 -58.53
C ILE C 3 -0.07 -11.02 -57.27
N THR C 4 -0.86 -12.07 -57.43
CA THR C 4 -1.42 -12.79 -56.30
C THR C 4 -0.45 -13.89 -55.93
N VAL C 5 0.08 -13.81 -54.71
CA VAL C 5 1.09 -14.73 -54.24
C VAL C 5 0.62 -15.48 -53.02
N ALA C 6 1.05 -16.72 -52.90
CA ALA C 6 1.01 -17.47 -51.67
C ALA C 6 2.27 -17.21 -50.88
N VAL C 7 2.12 -17.00 -49.60
CA VAL C 7 3.22 -16.94 -48.63
C VAL C 7 3.22 -18.23 -47.87
N LEU C 8 4.33 -18.94 -47.86
CA LEU C 8 4.45 -20.22 -47.20
C LEU C 8 5.19 -20.12 -45.88
N GLN C 9 5.10 -21.17 -45.08
CA GLN C 9 5.65 -21.16 -43.75
C GLN C 9 7.16 -20.92 -43.79
N ASP C 10 7.81 -21.47 -44.81
CA ASP C 10 9.26 -21.43 -44.91
C ASP C 10 9.79 -20.12 -45.48
N GLY C 11 8.95 -19.11 -45.67
CA GLY C 11 9.36 -17.83 -46.22
C GLY C 11 9.24 -17.74 -47.71
N SER C 12 8.77 -18.78 -48.39
CA SER C 12 8.57 -18.71 -49.84
C SER C 12 7.43 -17.80 -50.20
N ILE C 13 7.60 -17.06 -51.28
CA ILE C 13 6.58 -16.22 -51.83
C ILE C 13 6.46 -16.60 -53.31
N ILE C 14 5.34 -17.21 -53.71
CA ILE C 14 5.20 -17.89 -55.00
C ILE C 14 3.84 -17.51 -55.57
N PRO C 15 3.78 -17.11 -56.86
CA PRO C 15 2.48 -16.90 -57.47
C PRO C 15 1.60 -18.10 -57.24
N VAL C 16 0.35 -17.84 -56.90
CA VAL C 16 -0.49 -18.89 -56.40
CA VAL C 16 -0.54 -18.91 -56.42
C VAL C 16 -0.63 -20.06 -57.39
N GLU C 17 -0.71 -19.76 -58.68
CA GLU C 17 -0.89 -20.78 -59.73
C GLU C 17 0.41 -21.52 -60.06
N GLU C 18 1.49 -21.14 -59.39
CA GLU C 18 2.80 -21.78 -59.56
C GLU C 18 3.24 -22.59 -58.33
N LEU C 19 2.33 -22.86 -57.43
CA LEU C 19 2.72 -23.63 -56.22
C LEU C 19 3.07 -25.06 -56.56
N PRO C 20 4.20 -25.56 -56.11
CA PRO C 20 4.62 -26.94 -56.39
C PRO C 20 3.90 -27.94 -55.51
N LEU C 21 3.98 -29.22 -55.87
CA LEU C 21 3.39 -30.30 -55.09
C LEU C 21 4.03 -30.41 -53.69
N GLU C 22 5.35 -30.36 -53.64
CA GLU C 22 6.06 -30.44 -52.38
C GLU C 22 6.33 -29.04 -51.94
N LYS C 23 5.78 -28.66 -50.79
CA LYS C 23 5.91 -27.28 -50.32
C LYS C 23 5.60 -27.22 -48.84
N ALA C 24 6.10 -26.17 -48.20
CA ALA C 24 5.67 -25.81 -46.86
C ALA C 24 4.20 -25.31 -46.87
N PRO C 25 3.52 -25.42 -45.72
CA PRO C 25 2.11 -24.99 -45.72
C PRO C 25 1.91 -23.52 -46.02
N VAL C 26 0.74 -23.18 -46.54
CA VAL C 26 0.37 -21.80 -46.85
C VAL C 26 -0.01 -21.06 -45.60
N VAL C 27 0.46 -19.83 -45.48
CA VAL C 27 0.13 -18.89 -44.42
C VAL C 27 -0.97 -17.93 -44.87
N ASN C 28 -0.83 -17.40 -46.07
CA ASN C 28 -1.82 -16.45 -46.60
C ASN C 28 -1.62 -16.41 -48.11
N ILE C 29 -2.66 -15.89 -48.79
CA ILE C 29 -2.58 -15.63 -50.23
C ILE C 29 -3.04 -14.20 -50.39
N LEU C 30 -2.23 -13.35 -51.01
CA LEU C 30 -2.44 -11.90 -51.04
C LEU C 30 -2.23 -11.39 -52.45
N ARG C 31 -3.08 -10.45 -52.87
CA ARG C 31 -2.88 -9.74 -54.12
C ARG C 31 -2.05 -8.52 -53.89
N VAL C 32 -0.78 -8.56 -54.29
CA VAL C 32 0.17 -7.53 -53.92
C VAL C 32 0.47 -6.59 -55.10
N PRO C 33 0.08 -5.32 -54.97
CA PRO C 33 0.46 -4.31 -55.97
C PRO C 33 1.97 -4.23 -56.05
N PHE C 34 2.47 -3.96 -57.24
CA PHE C 34 3.91 -3.86 -57.44
C PHE C 34 4.49 -2.70 -56.65
N THR C 35 3.65 -1.75 -56.27
CA THR C 35 4.08 -0.57 -55.55
C THR C 35 3.87 -0.62 -54.07
N GLU C 36 3.55 -1.80 -53.54
CA GLU C 36 3.34 -1.91 -52.10
C GLU C 36 4.27 -2.93 -51.47
N GLY C 37 4.45 -2.87 -50.16
CA GLY C 37 5.34 -3.81 -49.49
C GLY C 37 4.60 -4.99 -48.90
N LEU C 38 5.11 -6.21 -49.12
CA LEU C 38 4.58 -7.39 -48.48
C LEU C 38 5.44 -7.71 -47.28
N PHE C 39 4.82 -7.76 -46.12
CA PHE C 39 5.48 -7.99 -44.85
C PHE C 39 5.17 -9.37 -44.31
N LEU C 40 6.17 -10.03 -43.76
CA LEU C 40 6.08 -11.37 -43.18
C LEU C 40 6.55 -11.27 -41.74
N VAL C 41 5.86 -11.90 -40.81
CA VAL C 41 6.27 -11.94 -39.41
C VAL C 41 6.48 -13.38 -39.02
N SER C 42 7.57 -13.70 -38.36
CA SER C 42 7.92 -15.07 -38.03
C SER C 42 7.61 -15.44 -36.57
N ASN C 43 7.68 -16.72 -36.28
CA ASN C 43 7.52 -17.22 -34.93
C ASN C 43 8.60 -16.74 -33.98
N ARG C 44 9.72 -16.25 -34.53
CA ARG C 44 10.80 -15.70 -33.72
CA ARG C 44 10.77 -15.72 -33.67
C ARG C 44 10.58 -14.21 -33.53
N GLY C 45 9.46 -13.66 -33.93
CA GLY C 45 9.19 -12.24 -33.76
C GLY C 45 9.96 -11.36 -34.69
N ARG C 46 10.45 -11.88 -35.79
CA ARG C 46 11.22 -11.11 -36.78
C ARG C 46 10.37 -10.72 -37.96
N VAL C 47 10.66 -9.59 -38.55
CA VAL C 47 9.91 -9.05 -39.69
CA VAL C 47 9.88 -9.08 -39.66
C VAL C 47 10.74 -9.04 -40.94
N TYR C 48 10.16 -9.44 -42.05
CA TYR C 48 10.81 -9.49 -43.36
C TYR C 48 9.89 -8.83 -44.35
N TRP C 49 10.41 -8.33 -45.45
CA TRP C 49 9.53 -7.69 -46.44
C TRP C 49 10.15 -7.75 -47.79
N ILE C 50 9.29 -7.78 -48.79
CA ILE C 50 9.72 -7.67 -50.17
C ILE C 50 8.84 -6.71 -50.88
N ALA C 51 9.27 -6.31 -52.06
CA ALA C 51 8.48 -5.44 -52.90
C ALA C 51 8.90 -5.55 -54.35
N GLY C 52 7.93 -5.35 -55.24
CA GLY C 52 8.20 -5.24 -56.68
C GLY C 52 7.97 -6.53 -57.44
N SER C 53 7.78 -6.40 -58.76
CA SER C 53 7.38 -7.54 -59.59
C SER C 53 8.36 -8.69 -59.56
N GLN C 54 9.64 -8.40 -59.63
CA GLN C 54 10.66 -9.44 -59.69
C GLN C 54 10.55 -10.36 -58.47
N ALA C 55 10.54 -9.76 -57.28
CA ALA C 55 10.42 -10.53 -56.05
C ALA C 55 9.12 -11.32 -55.98
N LEU C 56 8.03 -10.68 -56.41
CA LEU C 56 6.72 -11.34 -56.36
C LEU C 56 6.60 -12.48 -57.34
N GLN C 57 7.42 -12.50 -58.37
CA GLN C 57 7.41 -13.62 -59.31
C GLN C 57 7.99 -14.89 -58.69
N GLY C 58 8.66 -14.75 -57.57
CA GLY C 58 9.16 -15.91 -56.82
C GLY C 58 10.34 -15.48 -55.98
N SER C 59 10.17 -15.55 -54.68
CA SER C 59 11.20 -15.15 -53.71
CA SER C 59 11.29 -15.29 -53.80
C SER C 59 11.18 -16.17 -52.59
N LYS C 60 12.20 -16.15 -51.76
CA LYS C 60 12.16 -16.83 -50.49
C LYS C 60 12.92 -15.97 -49.54
N VAL C 61 12.27 -15.43 -48.53
CA VAL C 61 12.97 -14.56 -47.56
CA VAL C 61 12.93 -14.58 -47.56
C VAL C 61 13.95 -15.41 -46.79
N SER C 62 15.06 -14.78 -46.45
CA SER C 62 16.14 -15.47 -45.76
CA SER C 62 16.16 -15.46 -45.76
C SER C 62 15.95 -15.36 -44.26
N LEU C 63 15.31 -16.38 -43.70
CA LEU C 63 15.02 -16.39 -42.29
C LEU C 63 16.32 -16.49 -41.52
N LYS C 64 16.37 -15.80 -40.38
CA LYS C 64 17.62 -15.70 -39.62
CA LYS C 64 17.63 -15.70 -39.64
C LYS C 64 18.00 -16.95 -38.86
N SER C 65 17.09 -17.90 -38.75
CA SER C 65 17.36 -19.19 -38.14
CA SER C 65 17.40 -19.20 -38.15
C SER C 65 16.65 -20.34 -38.86
N ARG C 66 17.23 -21.53 -38.77
CA ARG C 66 16.60 -22.72 -39.38
C ARG C 66 15.32 -23.15 -38.65
N GLU C 67 15.13 -22.87 -37.37
N GLU C 67 15.35 -22.89 -37.35
CA GLU C 67 13.87 -23.34 -36.71
CA GLU C 67 14.20 -22.99 -36.49
C GLU C 67 12.63 -22.40 -36.89
C GLU C 67 13.48 -21.65 -36.55
N GLU C 68 12.84 -21.37 -37.69
CA GLU C 68 11.95 -20.22 -37.84
C GLU C 68 10.92 -20.48 -38.93
N LYS C 69 9.73 -19.98 -38.72
CA LYS C 69 8.66 -20.10 -39.71
CA LYS C 69 8.60 -20.15 -39.65
C LYS C 69 7.77 -18.88 -39.71
N ILE C 70 7.14 -18.60 -40.82
CA ILE C 70 6.25 -17.48 -40.94
C ILE C 70 4.92 -17.76 -40.31
N VAL C 71 4.38 -16.83 -39.54
CA VAL C 71 3.09 -17.00 -38.88
C VAL C 71 2.07 -15.98 -39.32
N GLY C 72 2.42 -15.00 -40.12
CA GLY C 72 1.45 -14.07 -40.66
C GLY C 72 2.08 -13.23 -41.74
N ALA C 73 1.27 -12.71 -42.64
CA ALA C 73 1.75 -11.83 -43.71
C ALA C 73 0.71 -10.78 -43.99
N PHE C 74 1.12 -9.60 -44.41
CA PHE C 74 0.20 -8.51 -44.68
C PHE C 74 0.80 -7.53 -45.64
N ILE C 75 -0.05 -6.78 -46.29
CA ILE C 75 0.45 -5.70 -47.13
CA ILE C 75 0.39 -5.68 -47.15
C ILE C 75 0.35 -4.45 -46.33
N ARG C 76 1.46 -3.76 -46.23
N ARG C 76 1.51 -3.79 -46.23
CA ARG C 76 1.60 -2.69 -45.30
CA ARG C 76 1.71 -2.70 -45.31
C ARG C 76 0.62 -1.62 -45.56
C ARG C 76 0.67 -1.62 -45.55
N GLU C 77 0.52 -1.28 -46.82
CA GLU C 77 -0.29 -0.14 -47.19
C GLU C 77 -1.78 -0.45 -47.03
N LYS C 78 -2.11 -1.66 -46.62
N LYS C 78 -2.09 -1.68 -46.63
CA LYS C 78 -3.51 -2.04 -46.32
CA LYS C 78 -3.46 -2.21 -46.35
C LYS C 78 -3.75 -2.49 -44.87
C LYS C 78 -3.77 -2.44 -44.86
N PHE C 79 -2.77 -2.34 -44.00
CA PHE C 79 -2.88 -2.77 -42.59
C PHE C 79 -3.11 -1.55 -41.69
N GLY C 80 -3.46 -1.78 -40.43
CA GLY C 80 -3.57 -0.69 -39.47
C GLY C 80 -2.24 -0.09 -39.05
N ASN C 81 -2.30 0.89 -38.14
CA ASN C 81 -1.13 1.56 -37.64
C ASN C 81 -0.34 0.78 -36.60
N ARG C 82 -0.99 -0.16 -35.94
CA ARG C 82 -0.37 -0.95 -34.88
C ARG C 82 -0.58 -2.43 -35.13
N LEU C 83 0.47 -3.19 -34.90
CA LEU C 83 0.47 -4.65 -35.00
CA LEU C 83 0.41 -4.64 -34.99
C LEU C 83 0.32 -5.28 -33.62
N LEU C 84 -0.62 -6.18 -33.46
CA LEU C 84 -0.71 -7.03 -32.29
C LEU C 84 -0.08 -8.35 -32.55
N LEU C 85 0.62 -8.90 -31.57
CA LEU C 85 1.27 -10.23 -31.61
CA LEU C 85 0.94 -10.28 -31.68
C LEU C 85 0.74 -11.02 -30.40
N ALA C 86 0.57 -12.31 -30.54
CA ALA C 86 0.33 -13.22 -29.42
C ALA C 86 1.40 -14.25 -29.42
N THR C 87 1.82 -14.69 -28.23
CA THR C 87 2.83 -15.73 -28.13
C THR C 87 2.26 -17.01 -27.53
N LYS C 88 2.95 -18.10 -27.75
CA LYS C 88 2.54 -19.43 -27.29
C LYS C 88 2.31 -19.42 -25.78
N LYS C 89 3.19 -18.77 -25.03
CA LYS C 89 3.12 -18.75 -23.55
C LYS C 89 2.16 -17.71 -23.04
N GLY C 90 1.38 -17.06 -23.90
CA GLY C 90 0.27 -16.23 -23.47
C GLY C 90 0.55 -14.75 -23.37
N TYR C 91 1.66 -14.30 -23.93
CA TYR C 91 1.97 -12.88 -23.95
C TYR C 91 1.33 -12.21 -25.15
N VAL C 92 1.03 -10.93 -25.02
N VAL C 92 1.16 -10.89 -25.05
CA VAL C 92 0.57 -10.10 -26.12
CA VAL C 92 0.53 -10.08 -26.08
C VAL C 92 1.48 -8.88 -26.17
C VAL C 92 1.22 -8.70 -26.15
N LYS C 93 1.53 -8.25 -27.35
CA LYS C 93 2.29 -7.01 -27.54
C LYS C 93 1.65 -6.21 -28.64
N LYS C 94 1.72 -4.90 -28.57
CA LYS C 94 1.21 -3.99 -29.57
C LYS C 94 2.35 -3.09 -30.01
N ILE C 95 2.70 -3.10 -31.28
CA ILE C 95 3.89 -2.40 -31.80
CA ILE C 95 3.81 -2.29 -31.75
C ILE C 95 3.46 -1.50 -32.98
N PRO C 96 3.71 -0.20 -32.92
CA PRO C 96 3.45 0.65 -34.09
C PRO C 96 4.25 0.21 -35.31
N LEU C 97 3.61 0.14 -36.46
CA LEU C 97 4.31 -0.11 -37.70
CA LEU C 97 4.28 -0.08 -37.73
C LEU C 97 5.41 0.91 -37.94
N ALA C 98 5.23 2.15 -37.50
CA ALA C 98 6.27 3.15 -37.70
C ALA C 98 7.58 2.78 -37.04
N GLU C 99 7.58 1.90 -36.05
CA GLU C 99 8.81 1.54 -35.42
C GLU C 99 9.58 0.48 -36.16
N PHE C 100 8.97 -0.19 -37.14
CA PHE C 100 9.67 -1.29 -37.79
C PHE C 100 9.53 -1.36 -39.30
N GLU C 101 8.67 -0.56 -39.89
CA GLU C 101 8.39 -0.69 -41.32
C GLU C 101 9.62 -0.39 -42.18
N TYR C 102 9.83 -1.21 -43.17
CA TYR C 102 10.87 -0.98 -44.22
C TYR C 102 12.26 -0.84 -43.62
N LYS C 103 12.55 -1.64 -42.62
CA LYS C 103 13.85 -1.61 -41.96
C LYS C 103 14.55 -2.92 -42.24
N ALA C 104 15.74 -3.13 -41.69
CA ALA C 104 16.54 -4.29 -42.07
C ALA C 104 15.77 -5.59 -42.01
N GLN C 105 16.06 -6.49 -42.92
CA GLN C 105 15.43 -7.77 -42.95
C GLN C 105 15.70 -8.52 -41.66
N GLY C 106 14.66 -9.16 -41.11
CA GLY C 106 14.78 -9.93 -39.90
C GLY C 106 14.77 -9.13 -38.62
N MET C 107 14.41 -7.88 -38.68
CA MET C 107 14.40 -7.06 -37.48
CA MET C 107 14.36 -7.03 -37.50
C MET C 107 13.48 -7.67 -36.42
N PRO C 108 14.00 -7.84 -35.21
CA PRO C 108 13.12 -8.33 -34.14
C PRO C 108 12.14 -7.27 -33.64
N ILE C 109 10.92 -7.63 -33.31
CA ILE C 109 9.93 -6.73 -32.78
C ILE C 109 9.33 -7.20 -31.46
N ILE C 110 9.89 -8.22 -30.84
CA ILE C 110 9.50 -8.61 -29.50
C ILE C 110 10.64 -9.39 -28.89
N LYS C 111 10.94 -9.07 -27.63
CA LYS C 111 11.85 -9.85 -26.82
C LYS C 111 11.10 -11.03 -26.23
N LEU C 112 11.44 -12.24 -26.66
CA LEU C 112 10.75 -13.47 -26.26
C LEU C 112 11.45 -14.13 -25.11
N THR C 113 10.70 -14.64 -24.14
CA THR C 113 11.25 -15.49 -23.09
C THR C 113 11.71 -16.81 -23.67
N GLU C 114 12.63 -17.50 -23.00
N GLU C 114 12.61 -17.50 -22.98
CA GLU C 114 13.13 -18.76 -23.53
CA GLU C 114 13.11 -18.77 -23.47
C GLU C 114 11.97 -19.75 -23.67
C GLU C 114 11.96 -19.75 -23.67
N GLY C 115 11.96 -20.41 -24.82
CA GLY C 115 10.93 -21.38 -25.11
C GLY C 115 9.72 -20.76 -25.79
N ASP C 116 9.53 -19.44 -25.75
CA ASP C 116 8.32 -18.83 -26.31
C ASP C 116 8.50 -18.53 -27.78
N GLU C 117 7.38 -18.38 -28.46
CA GLU C 117 7.35 -18.07 -29.89
C GLU C 117 6.09 -17.31 -30.20
N VAL C 118 6.13 -16.47 -31.21
CA VAL C 118 4.93 -15.81 -31.72
C VAL C 118 4.07 -16.81 -32.47
N VAL C 119 2.77 -16.82 -32.18
CA VAL C 119 1.84 -17.74 -32.84
C VAL C 119 0.93 -17.03 -33.79
N SER C 120 0.64 -15.72 -33.65
CA SER C 120 -0.30 -15.04 -34.56
C SER C 120 -0.12 -13.55 -34.49
N ILE C 121 -0.59 -12.84 -35.50
CA ILE C 121 -0.55 -11.40 -35.59
C ILE C 121 -1.95 -10.89 -35.94
N ALA C 122 -2.21 -9.64 -35.68
CA ALA C 122 -3.47 -9.01 -36.05
C ALA C 122 -3.27 -7.52 -36.20
N SER C 123 -4.09 -6.89 -36.99
CA SER C 123 -4.12 -5.46 -37.09
C SER C 123 -4.95 -4.88 -35.94
N SER C 124 -4.37 -4.02 -35.13
CA SER C 124 -5.07 -3.50 -33.97
C SER C 124 -6.18 -2.53 -34.41
N VAL C 125 -7.22 -2.42 -33.61
CA VAL C 125 -8.29 -1.45 -33.83
C VAL C 125 -8.58 -0.86 -32.47
N ASP C 126 -8.62 0.46 -32.33
CA ASP C 126 -8.85 1.03 -31.02
C ASP C 126 -10.30 0.83 -30.57
N GLU C 127 -10.49 0.82 -29.26
CA GLU C 127 -11.81 0.73 -28.65
C GLU C 127 -12.53 -0.54 -29.05
N THR C 128 -11.78 -1.64 -29.02
CA THR C 128 -12.31 -2.98 -29.26
C THR C 128 -11.84 -3.89 -28.15
N HIS C 129 -12.24 -5.15 -28.18
CA HIS C 129 -11.75 -6.16 -27.27
C HIS C 129 -10.82 -7.09 -27.96
N ILE C 130 -9.80 -7.52 -27.28
CA ILE C 130 -8.99 -8.66 -27.72
C ILE C 130 -9.60 -9.94 -27.20
N LEU C 131 -9.70 -10.92 -28.08
CA LEU C 131 -10.02 -12.29 -27.74
C LEU C 131 -8.73 -13.08 -27.91
N LEU C 132 -8.18 -13.58 -26.82
CA LEU C 132 -6.90 -14.29 -26.81
C LEU C 132 -7.23 -15.72 -26.41
N PHE C 133 -6.96 -16.69 -27.27
CA PHE C 133 -7.50 -18.02 -27.06
C PHE C 133 -6.46 -19.10 -27.20
N THR C 134 -6.77 -20.25 -26.59
CA THR C 134 -5.83 -21.35 -26.44
C THR C 134 -6.27 -22.60 -27.17
N LYS C 135 -5.34 -23.51 -27.39
CA LYS C 135 -5.58 -24.79 -28.02
CA LYS C 135 -5.61 -24.77 -28.06
C LYS C 135 -6.70 -25.54 -27.34
N LYS C 136 -6.70 -25.56 -26.01
CA LYS C 136 -7.69 -26.32 -25.25
C LYS C 136 -9.01 -25.57 -25.15
N GLY C 137 -9.14 -24.40 -25.75
CA GLY C 137 -10.42 -23.73 -25.88
C GLY C 137 -10.76 -22.63 -24.90
N ARG C 138 -9.78 -22.16 -24.14
N ARG C 138 -9.78 -22.16 -24.15
CA ARG C 138 -10.02 -21.05 -23.21
CA ARG C 138 -9.98 -21.04 -23.24
C ARG C 138 -9.79 -19.71 -23.89
C ARG C 138 -9.87 -19.72 -24.00
N VAL C 139 -10.62 -18.73 -23.55
CA VAL C 139 -10.58 -17.40 -24.16
C VAL C 139 -10.56 -16.33 -23.10
N ALA C 140 -9.54 -15.49 -23.13
CA ALA C 140 -9.50 -14.26 -22.35
C ALA C 140 -9.98 -13.12 -23.21
N ARG C 141 -10.82 -12.25 -22.68
CA ARG C 141 -11.41 -11.14 -23.41
C ARG C 141 -11.15 -9.88 -22.62
N PHE C 142 -10.49 -8.91 -23.20
CA PHE C 142 -10.14 -7.69 -22.46
C PHE C 142 -10.00 -6.53 -23.40
N SER C 143 -10.06 -5.31 -22.90
CA SER C 143 -9.92 -4.15 -23.73
C SER C 143 -8.58 -4.12 -24.44
N VAL C 144 -8.58 -3.70 -25.70
CA VAL C 144 -7.36 -3.52 -26.45
C VAL C 144 -6.44 -2.51 -25.77
N ARG C 145 -6.99 -1.62 -24.97
CA ARG C 145 -6.18 -0.60 -24.29
C ARG C 145 -5.37 -1.13 -23.13
N GLU C 146 -5.54 -2.39 -22.77
CA GLU C 146 -4.69 -3.01 -21.73
C GLU C 146 -3.37 -3.48 -22.29
N VAL C 147 -3.14 -3.30 -23.59
CA VAL C 147 -1.87 -3.62 -24.23
C VAL C 147 -1.35 -2.30 -24.85
N PRO C 148 -0.70 -1.43 -24.09
CA PRO C 148 -0.26 -0.16 -24.67
C PRO C 148 0.85 -0.40 -25.69
N PRO C 149 0.93 0.47 -26.71
CA PRO C 149 1.98 0.34 -27.70
C PRO C 149 3.36 0.43 -27.08
N SER C 150 4.28 -0.35 -27.60
CA SER C 150 5.63 -0.40 -27.09
C SER C 150 6.65 -0.53 -28.20
N THR C 151 7.91 -0.36 -27.89
CA THR C 151 8.97 -0.34 -28.87
CA THR C 151 9.00 -0.33 -28.87
C THR C 151 9.43 -1.76 -29.22
N PRO C 152 10.10 -1.95 -30.36
CA PRO C 152 10.50 -3.30 -30.76
C PRO C 152 11.26 -4.11 -29.75
N GLY C 153 12.13 -3.50 -28.97
CA GLY C 153 12.93 -4.29 -28.07
C GLY C 153 12.21 -4.72 -26.83
N ALA C 154 11.00 -4.23 -26.58
CA ALA C 154 10.30 -4.51 -25.37
C ALA C 154 9.80 -5.95 -25.36
N ARG C 155 9.65 -6.44 -24.15
CA ARG C 155 8.93 -7.67 -23.96
C ARG C 155 7.47 -7.37 -24.15
N GLY C 156 6.68 -8.40 -24.38
CA GLY C 156 5.25 -8.29 -24.24
C GLY C 156 4.74 -8.31 -22.80
N VAL C 157 3.42 -8.32 -22.66
CA VAL C 157 2.76 -8.44 -21.34
C VAL C 157 1.85 -9.66 -21.25
N GLN C 158 1.53 -10.09 -20.05
CA GLN C 158 0.77 -11.32 -19.85
C GLN C 158 -0.66 -11.13 -20.28
N GLY C 159 -1.08 -11.90 -21.27
CA GLY C 159 -2.45 -11.80 -21.76
C GLY C 159 -3.40 -12.83 -21.17
N ILE C 160 -2.93 -14.05 -20.99
CA ILE C 160 -3.77 -15.14 -20.49
C ILE C 160 -2.89 -16.02 -19.61
N LYS C 161 -3.43 -16.49 -18.50
CA LYS C 161 -2.73 -17.41 -17.61
CA LYS C 161 -2.74 -17.41 -17.60
C LYS C 161 -3.06 -18.82 -18.08
N LEU C 162 -2.05 -19.53 -18.60
CA LEU C 162 -2.26 -20.85 -19.14
C LEU C 162 -2.25 -21.93 -18.10
N GLU C 163 -3.09 -22.94 -18.32
CA GLU C 163 -3.06 -24.16 -17.52
C GLU C 163 -2.03 -25.10 -18.05
N LYS C 164 -1.68 -26.11 -17.28
CA LYS C 164 -0.71 -27.10 -17.71
C LYS C 164 -1.08 -27.69 -19.06
N ASN C 165 -0.06 -27.80 -19.91
CA ASN C 165 -0.18 -28.45 -21.19
C ASN C 165 -0.97 -27.66 -22.20
N ASP C 166 -1.45 -26.45 -21.85
CA ASP C 166 -2.16 -25.62 -22.83
C ASP C 166 -1.17 -24.62 -23.45
N GLU C 167 -1.53 -24.11 -24.60
CA GLU C 167 -0.74 -23.12 -25.33
C GLU C 167 -1.69 -22.15 -25.96
N THR C 168 -1.28 -20.92 -26.16
CA THR C 168 -2.06 -19.95 -26.89
C THR C 168 -2.05 -20.35 -28.36
N SER C 169 -3.23 -20.23 -28.98
CA SER C 169 -3.46 -20.59 -30.37
CA SER C 169 -3.33 -20.56 -30.40
C SER C 169 -3.61 -19.35 -31.26
N GLY C 170 -4.18 -18.26 -30.76
CA GLY C 170 -4.35 -17.10 -31.60
C GLY C 170 -5.01 -15.95 -30.89
N LEU C 171 -5.24 -14.88 -31.62
CA LEU C 171 -5.94 -13.69 -31.09
CA LEU C 171 -5.81 -13.64 -31.13
C LEU C 171 -6.73 -13.04 -32.19
N ARG C 172 -7.86 -12.50 -31.81
CA ARG C 172 -8.77 -11.79 -32.72
C ARG C 172 -9.28 -10.55 -32.09
N ILE C 173 -9.54 -9.52 -32.87
CA ILE C 173 -10.24 -8.35 -32.43
C ILE C 173 -11.77 -8.54 -32.53
N TRP C 174 -12.46 -8.19 -31.46
CA TRP C 174 -13.91 -8.16 -31.42
C TRP C 174 -14.36 -6.72 -31.44
N ASN C 175 -15.21 -6.38 -32.40
CA ASN C 175 -15.77 -5.05 -32.48
C ASN C 175 -17.28 -5.18 -32.71
N GLY C 176 -17.99 -5.55 -31.65
CA GLY C 176 -19.44 -5.50 -31.65
C GLY C 176 -20.21 -6.59 -32.39
N GLU C 177 -19.51 -7.59 -32.91
CA GLU C 177 -20.21 -8.64 -33.65
C GLU C 177 -21.04 -9.51 -32.70
N PRO C 178 -22.25 -9.88 -33.11
CA PRO C 178 -23.10 -10.67 -32.19
C PRO C 178 -22.62 -12.07 -31.91
N TYR C 179 -21.89 -12.65 -32.85
CA TYR C 179 -21.53 -14.07 -32.77
C TYR C 179 -20.05 -14.33 -32.95
N LEU C 180 -19.59 -15.49 -32.53
CA LEU C 180 -18.24 -15.98 -32.76
C LEU C 180 -18.31 -17.36 -33.36
N LEU C 181 -17.52 -17.63 -34.39
CA LEU C 181 -17.38 -18.98 -34.94
C LEU C 181 -16.17 -19.67 -34.36
N VAL C 182 -16.38 -20.70 -33.56
CA VAL C 182 -15.35 -21.60 -33.10
C VAL C 182 -14.93 -22.45 -34.26
N ILE C 183 -13.64 -22.50 -34.58
CA ILE C 183 -13.11 -23.34 -35.64
C ILE C 183 -12.03 -24.23 -35.04
N THR C 184 -12.14 -25.53 -35.25
CA THR C 184 -11.18 -26.48 -34.71
C THR C 184 -10.25 -27.03 -35.78
N ALA C 185 -9.18 -27.68 -35.35
CA ALA C 185 -8.17 -28.21 -36.23
C ALA C 185 -8.71 -29.23 -37.21
N LYS C 186 -9.67 -30.05 -36.81
CA LYS C 186 -10.26 -31.04 -37.71
C LYS C 186 -11.48 -30.49 -38.42
N GLY C 187 -11.67 -29.19 -38.46
CA GLY C 187 -12.70 -28.66 -39.34
C GLY C 187 -14.10 -28.61 -38.74
N ARG C 188 -14.19 -28.67 -37.42
CA ARG C 188 -15.47 -28.52 -36.73
C ARG C 188 -15.73 -27.06 -36.46
N VAL C 189 -17.01 -26.69 -36.51
CA VAL C 189 -17.42 -25.31 -36.33
C VAL C 189 -18.65 -25.23 -35.46
N LYS C 190 -18.74 -24.24 -34.63
CA LYS C 190 -20.02 -23.86 -34.03
C LYS C 190 -20.10 -22.36 -33.90
N LYS C 191 -21.32 -21.85 -33.77
CA LYS C 191 -21.57 -20.42 -33.59
C LYS C 191 -22.08 -20.17 -32.19
N ILE C 192 -21.46 -19.28 -31.44
CA ILE C 192 -21.89 -18.93 -30.11
C ILE C 192 -22.09 -17.43 -30.01
N SER C 193 -22.91 -16.99 -29.07
CA SER C 193 -23.02 -15.57 -28.77
C SER C 193 -21.71 -15.07 -28.18
N HIS C 194 -21.37 -13.82 -28.48
CA HIS C 194 -20.20 -13.20 -27.89
C HIS C 194 -20.40 -13.21 -26.38
N GLU C 195 -21.65 -13.06 -25.95
CA GLU C 195 -21.98 -12.89 -24.54
C GLU C 195 -21.56 -14.07 -23.70
N GLU C 196 -21.18 -15.19 -24.33
CA GLU C 196 -20.69 -16.34 -23.58
CA GLU C 196 -20.68 -16.35 -23.60
C GLU C 196 -19.35 -16.06 -22.92
N ILE C 197 -18.64 -15.02 -23.38
CA ILE C 197 -17.31 -14.73 -22.87
C ILE C 197 -17.31 -13.37 -22.18
N PRO C 198 -17.17 -13.35 -20.85
CA PRO C 198 -17.18 -12.06 -20.16
C PRO C 198 -15.92 -11.28 -20.43
N LYS C 199 -16.04 -9.95 -20.48
CA LYS C 199 -14.89 -9.07 -20.55
C LYS C 199 -14.28 -8.96 -19.14
N THR C 200 -12.98 -9.15 -19.06
CA THR C 200 -12.25 -9.05 -17.78
C THR C 200 -11.05 -8.21 -18.05
N ASN C 201 -10.14 -8.09 -17.09
CA ASN C 201 -8.81 -7.62 -17.41
C ASN C 201 -7.97 -8.72 -18.07
N ARG C 202 -6.86 -8.34 -18.66
CA ARG C 202 -5.92 -9.32 -19.16
C ARG C 202 -5.31 -10.16 -18.04
N GLY C 203 -4.83 -11.34 -18.37
CA GLY C 203 -4.05 -12.15 -17.42
C GLY C 203 -4.86 -13.18 -16.67
N VAL C 204 -6.15 -13.22 -16.93
CA VAL C 204 -7.04 -14.25 -16.37
C VAL C 204 -6.85 -15.59 -17.05
N LYS C 205 -7.42 -16.65 -16.50
CA LYS C 205 -7.36 -17.96 -17.14
C LYS C 205 -8.26 -18.06 -18.39
N GLY C 206 -9.31 -17.25 -18.44
CA GLY C 206 -10.19 -17.32 -19.59
C GLY C 206 -11.31 -18.34 -19.43
N THR C 207 -12.28 -18.19 -20.29
CA THR C 207 -13.49 -18.96 -20.31
C THR C 207 -13.41 -20.11 -21.32
N GLU C 208 -13.77 -21.31 -20.92
CA GLU C 208 -13.78 -22.44 -21.84
C GLU C 208 -14.96 -22.38 -22.77
N VAL C 209 -14.71 -22.39 -24.06
CA VAL C 209 -15.78 -22.29 -25.06
C VAL C 209 -15.80 -23.34 -26.15
N SER C 210 -14.73 -24.10 -26.35
CA SER C 210 -14.68 -24.92 -27.55
C SER C 210 -15.63 -26.11 -27.48
N GLY C 211 -15.84 -26.68 -26.30
CA GLY C 211 -16.72 -27.83 -26.15
C GLY C 211 -16.16 -29.11 -26.71
N THR C 212 -14.87 -29.18 -26.96
CA THR C 212 -14.30 -30.38 -27.54
C THR C 212 -12.86 -30.50 -27.15
N LYS C 213 -12.32 -31.69 -27.29
CA LYS C 213 -10.93 -31.94 -27.16
C LYS C 213 -10.17 -31.66 -28.45
N ASP C 214 -10.89 -31.48 -29.57
CA ASP C 214 -10.25 -31.03 -30.80
C ASP C 214 -9.67 -29.61 -30.57
N THR C 215 -8.48 -29.35 -31.04
CA THR C 215 -7.75 -28.09 -30.85
CA THR C 215 -7.83 -28.08 -30.75
C THR C 215 -8.52 -26.91 -31.43
N LEU C 216 -8.62 -25.83 -30.69
CA LEU C 216 -9.20 -24.58 -31.17
C LEU C 216 -8.17 -23.84 -31.98
N VAL C 217 -8.44 -23.59 -33.26
CA VAL C 217 -7.50 -22.87 -34.08
CA VAL C 217 -7.54 -22.89 -34.16
CA VAL C 217 -7.52 -22.89 -34.14
C VAL C 217 -7.94 -21.45 -34.39
N ASP C 218 -9.23 -21.12 -34.30
CA ASP C 218 -9.64 -19.74 -34.51
C ASP C 218 -11.01 -19.51 -33.90
N LEU C 219 -11.34 -18.23 -33.77
CA LEU C 219 -12.56 -17.74 -33.14
C LEU C 219 -12.87 -16.54 -34.01
N ILE C 220 -13.81 -16.68 -34.92
CA ILE C 220 -14.06 -15.66 -35.93
C ILE C 220 -15.30 -14.84 -35.58
N PRO C 221 -15.16 -13.54 -35.32
CA PRO C 221 -16.37 -12.74 -35.11
C PRO C 221 -17.20 -12.72 -36.39
N ILE C 222 -18.53 -12.74 -36.23
CA ILE C 222 -19.43 -12.68 -37.38
CA ILE C 222 -19.43 -12.68 -37.37
C ILE C 222 -20.72 -11.93 -37.01
N LYS C 223 -21.11 -11.07 -37.93
CA LYS C 223 -22.39 -10.38 -37.86
C LYS C 223 -23.45 -10.92 -38.81
N GLU C 224 -23.20 -10.94 -40.10
CA GLU C 224 -24.02 -11.64 -41.09
C GLU C 224 -23.31 -12.66 -41.97
N GLU C 225 -22.09 -12.34 -42.41
CA GLU C 225 -21.41 -13.24 -43.31
C GLU C 225 -19.92 -12.98 -43.32
N VAL C 226 -19.12 -14.05 -43.36
CA VAL C 226 -17.69 -13.96 -43.57
C VAL C 226 -17.28 -14.77 -44.77
N GLU C 227 -16.14 -14.42 -45.35
CA GLU C 227 -15.48 -15.25 -46.35
C GLU C 227 -14.08 -15.50 -45.84
N LEU C 228 -13.68 -16.77 -45.83
CA LEU C 228 -12.46 -17.22 -45.18
C LEU C 228 -11.57 -17.96 -46.14
N LEU C 229 -10.27 -17.70 -46.04
CA LEU C 229 -9.23 -18.54 -46.64
C LEU C 229 -8.71 -19.45 -45.55
N ILE C 230 -8.72 -20.75 -45.75
CA ILE C 230 -8.33 -21.70 -44.74
CA ILE C 230 -8.39 -21.79 -44.75
C ILE C 230 -7.21 -22.55 -45.28
N THR C 231 -6.17 -22.70 -44.47
CA THR C 231 -4.99 -23.46 -44.91
CA THR C 231 -4.98 -23.44 -44.89
C THR C 231 -4.71 -24.61 -43.98
N THR C 232 -4.06 -25.65 -44.53
CA THR C 232 -3.91 -26.88 -43.77
C THR C 232 -2.44 -27.37 -43.75
N LYS C 233 -2.16 -28.25 -42.80
CA LYS C 233 -0.84 -28.80 -42.64
C LYS C 233 -0.38 -29.55 -43.86
N ASN C 234 -1.30 -30.19 -44.55
CA ASN C 234 -0.92 -31.00 -45.70
C ASN C 234 -0.96 -30.25 -47.02
N GLY C 235 -1.06 -28.93 -46.95
CA GLY C 235 -0.84 -28.13 -48.14
C GLY C 235 -2.06 -27.56 -48.80
N LYS C 236 -3.25 -27.70 -48.21
CA LYS C 236 -4.43 -27.16 -48.88
C LYS C 236 -4.54 -25.70 -48.58
N ALA C 237 -5.20 -24.97 -49.44
CA ALA C 237 -5.65 -23.61 -49.16
C ALA C 237 -6.96 -23.47 -49.89
N PHE C 238 -8.04 -23.26 -49.19
CA PHE C 238 -9.38 -23.26 -49.78
C PHE C 238 -10.17 -22.12 -49.22
N TYR C 239 -11.23 -21.77 -49.90
CA TYR C 239 -12.03 -20.59 -49.62
C TYR C 239 -13.44 -20.98 -49.25
N ASP C 240 -14.04 -20.40 -48.22
CA ASP C 240 -15.41 -20.72 -47.87
CA ASP C 240 -15.36 -20.76 -47.76
C ASP C 240 -16.14 -19.49 -47.45
N LYS C 241 -17.43 -19.49 -47.73
CA LYS C 241 -18.34 -18.41 -47.41
C LYS C 241 -19.31 -18.92 -46.37
N ILE C 242 -19.37 -18.26 -45.22
CA ILE C 242 -20.26 -18.69 -44.14
C ILE C 242 -21.21 -17.56 -43.81
N ASN C 243 -22.50 -17.81 -43.99
CA ASN C 243 -23.55 -16.89 -43.50
C ASN C 243 -23.98 -17.38 -42.14
N GLN C 244 -24.09 -16.51 -41.16
CA GLN C 244 -24.43 -16.91 -39.81
C GLN C 244 -25.72 -17.73 -39.75
N LYS C 245 -26.66 -17.45 -40.65
CA LYS C 245 -27.97 -18.09 -40.62
CA LYS C 245 -27.97 -18.10 -40.65
C LYS C 245 -27.83 -19.60 -40.87
N ASP C 246 -26.75 -20.06 -41.48
N ASP C 246 -26.72 -20.00 -41.51
CA ASP C 246 -26.60 -21.49 -41.80
CA ASP C 246 -26.39 -21.41 -41.86
C ASP C 246 -25.81 -22.26 -40.72
C ASP C 246 -26.10 -22.23 -40.62
N ILE C 247 -25.49 -21.60 -39.62
CA ILE C 247 -24.86 -22.27 -38.49
C ILE C 247 -25.74 -22.03 -37.27
N PRO C 248 -26.31 -23.09 -36.70
CA PRO C 248 -27.21 -22.91 -35.58
C PRO C 248 -26.54 -22.28 -34.39
N LEU C 249 -27.28 -21.60 -33.55
CA LEU C 249 -26.75 -21.07 -32.31
C LEU C 249 -26.49 -22.19 -31.32
N SER C 250 -25.27 -22.26 -30.82
CA SER C 250 -24.79 -23.23 -29.84
C SER C 250 -24.41 -22.50 -28.58
N THR C 251 -24.06 -23.26 -27.56
CA THR C 251 -23.53 -22.73 -26.32
C THR C 251 -22.08 -23.14 -26.15
N LYS C 252 -21.50 -22.76 -25.01
CA LYS C 252 -20.12 -23.15 -24.71
C LYS C 252 -19.98 -24.63 -24.58
N LYS C 253 -20.99 -25.32 -24.12
CA LYS C 253 -20.87 -26.75 -23.90
C LYS C 253 -21.10 -27.56 -25.17
N SER C 254 -21.71 -26.96 -26.19
CA SER C 254 -22.01 -27.71 -27.40
C SER C 254 -20.74 -28.26 -28.05
N ILE C 255 -20.78 -29.47 -28.55
CA ILE C 255 -19.66 -30.02 -29.30
C ILE C 255 -19.79 -29.55 -30.75
N PRO C 256 -18.79 -28.87 -31.28
CA PRO C 256 -18.94 -28.39 -32.66
C PRO C 256 -19.04 -29.52 -33.66
N ARG C 257 -19.72 -29.21 -34.76
CA ARG C 257 -20.03 -30.18 -35.79
CA ARG C 257 -20.05 -30.17 -35.79
C ARG C 257 -19.07 -30.04 -36.96
N THR C 258 -18.70 -31.13 -37.60
CA THR C 258 -17.83 -31.04 -38.77
CA THR C 258 -17.81 -31.03 -38.76
C THR C 258 -18.43 -30.21 -39.89
N ARG C 259 -17.70 -29.24 -40.39
CA ARG C 259 -18.04 -28.48 -41.60
C ARG C 259 -17.15 -28.89 -42.73
N TRP C 260 -15.85 -28.99 -42.50
CA TRP C 260 -14.88 -29.33 -43.52
C TRP C 260 -14.31 -30.70 -43.26
N LYS C 261 -14.50 -31.60 -44.23
CA LYS C 261 -14.03 -32.95 -44.06
C LYS C 261 -12.57 -33.02 -44.48
N LEU C 262 -11.69 -33.30 -43.53
CA LEU C 262 -10.24 -33.21 -43.73
C LEU C 262 -9.45 -34.47 -43.49
N GLU C 263 -10.13 -35.50 -42.97
CA GLU C 263 -9.45 -36.72 -42.52
C GLU C 263 -8.26 -36.52 -41.56
N ASP C 264 -7.06 -36.93 -42.00
CA ASP C 264 -5.88 -36.80 -41.17
C ASP C 264 -5.24 -35.40 -41.29
N ASP C 265 -5.75 -34.54 -42.18
CA ASP C 265 -5.23 -33.18 -42.34
C ASP C 265 -5.77 -32.34 -41.19
N GLU C 266 -5.22 -31.15 -41.05
CA GLU C 266 -5.55 -30.24 -39.96
CA GLU C 266 -5.61 -30.24 -39.98
C GLU C 266 -5.45 -28.81 -40.43
N ILE C 267 -6.39 -27.99 -40.02
CA ILE C 267 -6.31 -26.55 -40.25
C ILE C 267 -5.21 -25.91 -39.46
N ILE C 268 -4.42 -25.08 -40.07
CA ILE C 268 -3.38 -24.31 -39.38
C ILE C 268 -3.65 -22.82 -39.35
N LYS C 269 -4.15 -22.22 -40.43
N LYS C 269 -4.36 -22.28 -40.32
CA LYS C 269 -4.53 -20.80 -40.43
CA LYS C 269 -4.60 -20.85 -40.42
C LYS C 269 -5.90 -20.54 -41.08
C LYS C 269 -5.99 -20.64 -40.96
N VAL C 270 -6.59 -19.55 -40.54
CA VAL C 270 -7.81 -19.02 -41.10
C VAL C 270 -7.59 -17.54 -41.32
N VAL C 271 -7.86 -17.04 -42.51
CA VAL C 271 -7.71 -15.63 -42.82
C VAL C 271 -9.07 -15.07 -43.20
N ILE C 272 -9.49 -14.01 -42.56
CA ILE C 272 -10.74 -13.38 -42.87
C ILE C 272 -10.54 -12.48 -44.07
N LYS C 273 -11.20 -12.80 -45.19
CA LYS C 273 -11.07 -12.06 -46.42
C LYS C 273 -12.23 -11.08 -46.62
N LYS C 274 -13.39 -11.38 -46.05
N LYS C 274 -13.40 -11.38 -46.07
CA LYS C 274 -14.54 -10.47 -46.10
CA LYS C 274 -14.53 -10.44 -46.09
C LYS C 274 -15.34 -10.67 -44.82
C LYS C 274 -15.33 -10.67 -44.82
N SER C 275 -15.93 -9.61 -44.28
CA SER C 275 -16.74 -9.71 -43.07
C SER C 275 -17.76 -8.59 -43.09
N GLU C 276 -19.05 -8.91 -43.09
CA GLU C 276 -20.13 -7.92 -43.02
C GLU C 276 -21.25 -8.39 -42.13
N NO3 D . 0.77 11.23 21.14
O1 NO3 D . 1.77 12.12 21.48
O2 NO3 D . 0.97 9.86 21.31
O3 NO3 D . -0.41 11.75 20.65
C1 GOL E . -7.47 11.74 37.72
O1 GOL E . -6.56 11.89 36.65
C2 GOL E . -6.91 10.89 38.85
O2 GOL E . -7.87 10.82 39.87
C3 GOL E . -6.54 9.48 38.37
O3 GOL E . -7.62 8.98 37.63
C1 GOL F . 7.23 4.72 24.39
O1 GOL F . 6.29 5.22 23.45
C2 GOL F . 6.63 3.51 25.09
O2 GOL F . 6.42 2.44 24.18
C3 GOL F . 7.52 3.05 26.23
O3 GOL F . 8.85 2.85 25.81
N NO3 G . -0.72 -14.92 -0.32
O1 NO3 G . -1.64 -13.92 -0.12
O2 NO3 G . 0.61 -14.79 0.01
O3 NO3 G . -1.22 -16.16 -0.77
N NO3 H . 9.32 11.17 -17.99
O1 NO3 H . 8.04 10.66 -18.16
O2 NO3 H . 10.44 10.50 -18.53
O3 NO3 H . 9.48 12.37 -17.28
C1 GOL I . 12.49 5.04 -0.48
O1 GOL I . 12.56 5.31 -1.88
C2 GOL I . 12.25 3.57 -0.17
O2 GOL I . 12.14 3.45 1.25
C3 GOL I . 10.96 3.10 -0.83
O3 GOL I . 9.96 4.03 -0.59
C1 GOL J . -1.10 16.89 1.29
O1 GOL J . 0.13 17.35 1.68
C2 GOL J . -1.91 16.21 2.40
O2 GOL J . -1.25 15.63 3.49
C3 GOL J . -2.91 15.27 1.78
O3 GOL J . -4.07 15.40 2.51
N NO3 K . -12.38 -1.23 -25.35
O1 NO3 K . -11.15 -0.62 -25.60
O2 NO3 K . -12.58 -2.08 -24.30
O3 NO3 K . -13.44 -0.96 -26.21
C1 GOL L . -4.77 -14.21 -36.62
O1 GOL L . -5.62 -13.23 -36.14
C2 GOL L . -5.48 -15.53 -36.80
O2 GOL L . -4.60 -16.39 -37.47
C3 GOL L . -5.95 -16.11 -35.47
O3 GOL L . -4.93 -15.89 -34.56
C1 GOL M . -19.20 -7.56 -23.05
O1 GOL M . -18.34 -6.52 -22.62
C2 GOL M . -18.82 -8.91 -22.43
O2 GOL M . -18.68 -8.78 -21.04
C3 GOL M . -19.84 -10.02 -22.70
O3 GOL M . -21.17 -9.60 -22.43
C1 GOL N . -16.24 -34.75 -27.67
O1 GOL N . -15.98 -34.88 -26.37
C2 GOL N . -14.98 -34.22 -28.22
O2 GOL N . -14.20 -33.71 -27.25
C3 GOL N . -14.76 -34.53 -29.71
O3 GOL N . -14.83 -35.99 -30.02
C1 GOL O . -4.47 0.88 -35.14
C1 GOL O . -5.27 1.17 -33.48
O1 GOL O . -3.92 -0.26 -35.76
O1 GOL O . -4.08 1.79 -33.93
C2 GOL O . -5.48 1.55 -36.09
C2 GOL O . -4.93 0.19 -32.36
O2 GOL O . -4.94 1.85 -37.37
O2 GOL O . -3.62 0.33 -31.89
C3 GOL O . -5.95 2.86 -35.45
C3 GOL O . -5.66 0.53 -31.10
O3 GOL O . -4.88 3.79 -35.40
O3 GOL O . -5.45 1.92 -30.98
C1 GOL P . -2.43 -12.92 -42.07
O1 GOL P . -1.30 -13.63 -42.46
C2 GOL P . -2.13 -12.10 -40.86
O2 GOL P . -2.07 -12.96 -39.81
C3 GOL P . -3.27 -11.15 -40.60
O3 GOL P . -2.75 -9.90 -40.53
#